data_1H4L
#
_entry.id   1H4L
#
_cell.length_a   149.090
_cell.length_b   89.760
_cell.length_c   82.570
_cell.angle_alpha   90.00
_cell.angle_beta   93.08
_cell.angle_gamma   90.00
#
_symmetry.space_group_name_H-M   'C 1 2 1'
#
loop_
_entity.id
_entity.type
_entity.pdbx_description
1 polymer 'CELL DIVISION PROTEIN KINASE 5'
2 polymer 'CYCLIN-DEPENDENT KINASE 5 ACTIVATOR'
3 water water
#
loop_
_entity_poly.entity_id
_entity_poly.type
_entity_poly.pdbx_seq_one_letter_code
_entity_poly.pdbx_strand_id
1 'polypeptide(L)'
;MQKYEKLEKIGEGTYGTVFKAKNRETHEIVALKRVRLDDDDEGVPSSALREICLLKELKHKNIVRLHDVLHSDKKLTLVF
EFCDQDLKKYFDSCNGDLDPEIVKSFLFQLLKGLGFCHSRNVLHRDLKPQNLLINRNGELKLADFGLARAFGIPVRCYSA
EVVTLWYRPPDVLFGAKLYSTSIDMWSAGCIFAELANAARPLFPGNDVDDQLKRIFRLLGTPTEEQWPSMTKLPDYKPYP
MYPATTSLVNVVPKLNATGRDLLQNLLKCNPVQRISAEEALQHPYFSDFCPP
;
A,B
2 'polypeptide(L)'
;STSELLRCLGEFLCRRCYRLKHLSPTDPVLWLRSVDRSLLLQGWQDQGFITPANVVFLYMLCRDVISSEVGSDHELQAVL
LTCLYLSYSYMGNEISYPLKPFLVESCKEAFWDRCLSVINLMSSKMLQINADPHYFTQVFSDLKNES
;
D,E
#
# COMPACT_ATOMS: atom_id res chain seq x y z
N GLN A 2 7.62 17.31 13.03
CA GLN A 2 6.42 18.14 13.33
C GLN A 2 6.30 19.40 12.48
N LYS A 3 7.44 19.95 12.05
CA LYS A 3 7.45 21.14 11.21
C LYS A 3 6.83 20.85 9.84
N TYR A 4 5.90 19.91 9.80
CA TYR A 4 5.25 19.54 8.55
C TYR A 4 3.74 19.56 8.63
N GLU A 5 3.10 19.67 7.48
CA GLU A 5 1.65 19.70 7.38
C GLU A 5 1.21 18.58 6.43
N LYS A 6 0.70 17.49 7.00
CA LYS A 6 0.22 16.36 6.19
C LYS A 6 -0.94 16.81 5.31
N LEU A 7 -1.04 16.20 4.13
CA LEU A 7 -2.09 16.52 3.16
C LEU A 7 -2.65 15.21 2.61
N GLU A 8 -3.07 15.23 1.34
CA GLU A 8 -3.59 14.04 0.70
C GLU A 8 -2.61 12.90 0.96
N LYS A 9 -3.09 11.74 1.39
CA LYS A 9 -2.19 10.63 1.66
C LYS A 9 -1.99 9.69 0.48
N ILE A 10 -0.79 9.70 -0.09
CA ILE A 10 -0.47 8.86 -1.22
C ILE A 10 -0.21 7.42 -0.77
N TYR A 15 7.52 0.61 2.93
CA TYR A 15 7.35 0.42 4.37
C TYR A 15 5.98 0.94 4.76
N GLY A 16 5.95 1.90 5.68
CA GLY A 16 4.70 2.47 6.12
C GLY A 16 3.95 3.13 4.98
N THR A 17 3.15 4.14 5.29
CA THR A 17 2.38 4.84 4.26
C THR A 17 3.05 6.16 3.87
N VAL A 18 2.86 6.56 2.62
CA VAL A 18 3.45 7.79 2.10
C VAL A 18 2.48 8.97 2.13
N PHE A 19 3.02 10.14 2.46
CA PHE A 19 2.22 11.36 2.52
C PHE A 19 2.88 12.51 1.78
N LYS A 20 2.05 13.43 1.31
CA LYS A 20 2.52 14.63 0.62
C LYS A 20 2.49 15.67 1.74
N ALA A 21 3.25 16.76 1.64
CA ALA A 21 3.22 17.75 2.70
C ALA A 21 3.94 19.05 2.38
N LYS A 22 3.72 20.05 3.23
CA LYS A 22 4.36 21.36 3.09
C LYS A 22 5.22 21.56 4.31
N ASN A 23 6.44 22.08 4.13
CA ASN A 23 7.30 22.28 5.27
C ASN A 23 6.65 23.22 6.28
N ARG A 24 5.59 23.90 5.84
CA ARG A 24 4.86 24.83 6.70
C ARG A 24 5.73 26.02 7.12
N GLU A 25 6.99 25.75 7.41
CA GLU A 25 7.92 26.80 7.82
C GLU A 25 8.60 27.41 6.60
N THR A 26 9.09 26.57 5.70
CA THR A 26 9.76 27.04 4.49
C THR A 26 8.84 26.85 3.27
N HIS A 27 7.62 26.38 3.54
CA HIS A 27 6.59 26.14 2.53
C HIS A 27 6.89 25.13 1.42
N GLU A 28 8.04 24.47 1.45
CA GLU A 28 8.36 23.49 0.41
C GLU A 28 7.56 22.21 0.59
N ILE A 29 7.14 21.59 -0.53
CA ILE A 29 6.38 20.36 -0.46
C ILE A 29 7.27 19.14 -0.58
N VAL A 30 7.13 18.21 0.37
CA VAL A 30 7.92 16.99 0.40
C VAL A 30 7.02 15.79 0.34
N ALA A 31 7.57 14.64 0.73
CA ALA A 31 6.84 13.38 0.79
C ALA A 31 7.38 12.69 2.06
N LEU A 32 6.49 12.18 2.89
CA LEU A 32 6.90 11.50 4.13
C LEU A 32 6.63 10.00 4.05
N LYS A 33 7.55 9.17 4.52
CA LYS A 33 7.36 7.73 4.45
C LYS A 33 6.80 7.10 5.73
N ARG A 34 7.26 7.55 6.90
CA ARG A 34 6.77 7.01 8.17
C ARG A 34 6.82 5.48 8.27
N VAL A 35 7.84 4.99 8.96
CA VAL A 35 8.06 3.55 9.11
C VAL A 35 7.74 3.15 10.54
N ARG A 36 6.97 2.08 10.70
CA ARG A 36 6.62 1.59 12.02
C ARG A 36 7.85 0.93 12.64
N LEU A 37 8.16 1.28 13.88
CA LEU A 37 9.30 0.68 14.54
C LEU A 37 8.88 -0.46 15.47
N ASP A 38 7.74 -1.07 15.17
CA ASP A 38 7.22 -2.17 15.99
C ASP A 38 6.08 -2.88 15.27
N GLY A 43 11.65 -6.96 10.26
CA GLY A 43 12.76 -6.65 9.38
C GLY A 43 12.66 -5.29 8.71
N VAL A 44 11.42 -4.81 8.56
CA VAL A 44 11.13 -3.52 7.94
C VAL A 44 12.08 -2.39 8.38
N PRO A 45 12.31 -2.25 9.69
CA PRO A 45 13.21 -1.19 10.15
C PRO A 45 14.63 -1.29 9.56
N SER A 46 15.21 -2.47 9.65
CA SER A 46 16.57 -2.68 9.13
C SER A 46 16.63 -2.35 7.65
N SER A 47 15.56 -2.61 6.93
CA SER A 47 15.53 -2.31 5.51
C SER A 47 15.55 -0.79 5.40
N ALA A 48 14.71 -0.14 6.19
CA ALA A 48 14.61 1.32 6.18
C ALA A 48 15.95 1.98 6.52
N LEU A 49 16.64 1.47 7.54
CA LEU A 49 17.91 2.06 7.91
C LEU A 49 18.94 1.90 6.80
N ARG A 50 18.79 0.87 5.98
CA ARG A 50 19.73 0.67 4.88
C ARG A 50 19.46 1.74 3.81
N GLU A 51 18.18 1.90 3.46
CA GLU A 51 17.82 2.90 2.47
C GLU A 51 18.43 4.24 2.88
N ILE A 52 18.19 4.65 4.13
CA ILE A 52 18.72 5.91 4.62
C ILE A 52 20.23 5.99 4.40
N CYS A 53 20.96 4.97 4.87
CA CYS A 53 22.41 4.91 4.72
C CYS A 53 22.89 5.09 3.28
N LEU A 54 22.25 4.38 2.36
CA LEU A 54 22.62 4.46 0.96
C LEU A 54 22.26 5.82 0.34
N LEU A 55 21.02 6.23 0.53
CA LEU A 55 20.56 7.49 -0.01
C LEU A 55 21.48 8.64 0.40
N LYS A 56 21.85 8.70 1.67
CA LYS A 56 22.72 9.76 2.15
C LYS A 56 23.98 9.92 1.30
N GLU A 57 24.38 8.86 0.61
CA GLU A 57 25.57 8.87 -0.25
C GLU A 57 25.24 8.78 -1.76
N LEU A 58 23.98 8.98 -2.13
CA LEU A 58 23.59 8.91 -3.54
C LEU A 58 22.87 10.19 -3.93
N LYS A 59 23.61 11.26 -4.21
CA LYS A 59 22.96 12.51 -4.59
C LYS A 59 23.16 12.78 -6.07
N HIS A 60 22.07 12.73 -6.82
CA HIS A 60 22.09 12.90 -8.27
C HIS A 60 20.69 13.30 -8.74
N LYS A 61 20.58 14.26 -9.65
CA LYS A 61 19.28 14.70 -10.14
C LYS A 61 18.36 13.54 -10.55
N ASN A 62 18.93 12.38 -10.86
CA ASN A 62 18.10 11.27 -11.26
C ASN A 62 17.88 10.21 -10.19
N ILE A 63 18.17 10.60 -8.95
CA ILE A 63 17.97 9.72 -7.79
C ILE A 63 17.22 10.55 -6.77
N VAL A 64 16.04 10.09 -6.39
CA VAL A 64 15.22 10.81 -5.43
C VAL A 64 16.03 11.33 -4.23
N ARG A 65 15.76 12.54 -3.80
CA ARG A 65 16.52 13.07 -2.68
C ARG A 65 15.86 12.79 -1.34
N LEU A 66 16.71 12.63 -0.32
CA LEU A 66 16.28 12.38 1.04
C LEU A 66 16.66 13.60 1.87
N HIS A 67 15.72 14.51 2.09
CA HIS A 67 16.01 15.73 2.86
C HIS A 67 16.39 15.50 4.31
N ASP A 68 15.59 14.72 5.03
CA ASP A 68 15.88 14.49 6.44
C ASP A 68 15.38 13.11 6.91
N VAL A 69 15.48 12.88 8.21
CA VAL A 69 14.98 11.65 8.81
C VAL A 69 14.65 11.99 10.24
N LEU A 70 13.41 11.74 10.64
CA LEU A 70 12.93 12.06 11.99
C LEU A 70 12.54 10.82 12.78
N HIS A 71 12.80 10.85 14.08
CA HIS A 71 12.46 9.74 14.95
C HIS A 71 11.44 10.25 15.98
N SER A 72 10.16 10.10 15.69
CA SER A 72 9.12 10.59 16.59
C SER A 72 7.99 9.58 16.79
N ASP A 73 7.38 9.61 17.96
CA ASP A 73 6.28 8.71 18.28
C ASP A 73 6.59 7.26 17.95
N LYS A 74 7.82 6.84 18.18
CA LYS A 74 8.18 5.46 17.92
C LYS A 74 7.93 5.10 16.45
N LYS A 75 8.34 6.02 15.58
CA LYS A 75 8.23 5.87 14.14
C LYS A 75 9.39 6.65 13.50
N LEU A 76 9.84 6.18 12.36
CA LEU A 76 10.90 6.88 11.63
C LEU A 76 10.25 7.47 10.40
N THR A 77 10.35 8.78 10.25
CA THR A 77 9.77 9.44 9.09
C THR A 77 10.88 9.93 8.18
N LEU A 78 10.95 9.36 6.98
CA LEU A 78 11.95 9.77 6.01
C LEU A 78 11.32 10.93 5.26
N VAL A 79 11.92 12.10 5.33
CA VAL A 79 11.37 13.24 4.63
C VAL A 79 12.03 13.22 3.26
N PHE A 80 11.26 12.81 2.26
CA PHE A 80 11.74 12.73 0.88
C PHE A 80 11.28 13.92 0.07
N GLU A 81 11.94 14.14 -1.07
CA GLU A 81 11.54 15.20 -1.98
C GLU A 81 10.26 14.65 -2.57
N PHE A 82 9.49 15.52 -3.22
CA PHE A 82 8.22 15.12 -3.79
C PHE A 82 8.19 15.08 -5.31
N CYS A 83 7.62 14.00 -5.84
CA CYS A 83 7.47 13.82 -7.29
C CYS A 83 6.00 13.65 -7.63
N ASP A 84 5.61 14.30 -8.71
CA ASP A 84 4.23 14.29 -9.14
C ASP A 84 3.63 12.90 -9.23
N GLN A 85 4.32 11.94 -9.83
CA GLN A 85 3.75 10.61 -9.91
C GLN A 85 4.78 9.56 -10.30
N ASP A 86 4.46 8.29 -10.06
CA ASP A 86 5.34 7.19 -10.41
C ASP A 86 5.08 6.81 -11.87
N LEU A 87 6.08 6.23 -12.52
CA LEU A 87 5.95 5.88 -13.94
C LEU A 87 4.78 4.96 -14.24
N LYS A 88 4.41 4.14 -13.27
CA LYS A 88 3.29 3.23 -13.47
C LYS A 88 2.03 4.06 -13.68
N LYS A 89 1.80 5.04 -12.80
CA LYS A 89 0.63 5.88 -12.94
C LYS A 89 0.74 6.70 -14.22
N TYR A 90 1.97 7.11 -14.56
CA TYR A 90 2.20 7.87 -15.78
C TYR A 90 1.61 7.06 -16.94
N PHE A 91 1.97 5.78 -17.02
CA PHE A 91 1.48 4.91 -18.08
C PHE A 91 -0.04 4.94 -18.17
N ASP A 92 -0.72 5.18 -17.05
CA ASP A 92 -2.18 5.26 -17.03
C ASP A 92 -2.62 6.66 -17.44
N SER A 93 -1.85 7.68 -17.07
CA SER A 93 -2.15 9.07 -17.40
C SER A 93 -2.44 9.09 -18.89
N CYS A 94 -1.38 8.95 -19.69
CA CYS A 94 -1.56 8.88 -21.13
C CYS A 94 -1.98 7.43 -21.27
N ASN A 95 -2.04 6.90 -22.47
CA ASN A 95 -2.45 5.51 -22.58
C ASN A 95 -1.90 4.83 -23.83
N GLY A 96 -1.62 3.54 -23.73
CA GLY A 96 -1.11 2.78 -24.85
C GLY A 96 -0.01 3.39 -25.72
N ASP A 97 0.46 4.59 -25.41
CA ASP A 97 1.51 5.19 -26.23
C ASP A 97 2.20 6.45 -25.70
N LEU A 98 3.50 6.52 -25.98
CA LEU A 98 4.35 7.63 -25.58
C LEU A 98 5.18 8.04 -26.79
N ASP A 99 5.26 9.34 -27.03
CA ASP A 99 6.05 9.87 -28.12
C ASP A 99 7.41 9.18 -28.01
N PRO A 100 7.90 8.57 -29.11
CA PRO A 100 9.20 7.88 -29.12
C PRO A 100 10.30 8.69 -28.46
N GLU A 101 10.09 10.00 -28.39
CA GLU A 101 11.05 10.92 -27.79
C GLU A 101 11.01 10.84 -26.26
N ILE A 102 9.82 10.68 -25.70
CA ILE A 102 9.69 10.55 -24.25
C ILE A 102 10.39 9.26 -23.84
N VAL A 103 10.16 8.23 -24.64
CA VAL A 103 10.73 6.92 -24.41
C VAL A 103 12.24 7.06 -24.24
N LYS A 104 12.84 7.83 -25.13
CA LYS A 104 14.27 8.05 -25.10
C LYS A 104 14.66 8.79 -23.81
N SER A 105 13.99 9.91 -23.56
CA SER A 105 14.31 10.70 -22.38
C SER A 105 14.28 9.87 -21.11
N PHE A 106 13.17 9.17 -20.90
CA PHE A 106 13.02 8.34 -19.72
C PHE A 106 14.12 7.33 -19.58
N LEU A 107 14.43 6.60 -20.66
CA LEU A 107 15.47 5.59 -20.60
C LEU A 107 16.81 6.26 -20.31
N PHE A 108 17.04 7.40 -20.94
CA PHE A 108 18.28 8.13 -20.74
C PHE A 108 18.47 8.41 -19.25
N GLN A 109 17.53 9.14 -18.66
CA GLN A 109 17.64 9.49 -17.25
C GLN A 109 17.72 8.27 -16.34
N LEU A 110 16.94 7.23 -16.64
CA LEU A 110 17.00 6.03 -15.84
C LEU A 110 18.42 5.51 -15.95
N LEU A 111 18.86 5.28 -17.19
CA LEU A 111 20.21 4.77 -17.42
C LEU A 111 21.25 5.65 -16.78
N LYS A 112 20.98 6.95 -16.67
CA LYS A 112 21.96 7.82 -16.05
C LYS A 112 21.89 7.68 -14.55
N GLY A 113 20.71 7.80 -13.98
CA GLY A 113 20.59 7.65 -12.55
C GLY A 113 21.05 6.27 -12.08
N LEU A 114 20.91 5.29 -12.96
CA LEU A 114 21.30 3.94 -12.62
C LEU A 114 22.81 3.80 -12.79
N GLY A 115 23.34 4.40 -13.85
CA GLY A 115 24.77 4.34 -14.08
C GLY A 115 25.49 4.94 -12.87
N PHE A 116 24.86 5.94 -12.27
CA PHE A 116 25.47 6.58 -11.13
C PHE A 116 25.58 5.64 -9.91
N CYS A 117 24.49 4.93 -9.60
CA CYS A 117 24.48 4.02 -8.47
C CYS A 117 25.56 2.98 -8.61
N HIS A 118 25.67 2.42 -9.80
CA HIS A 118 26.69 1.42 -10.03
C HIS A 118 28.05 2.05 -9.77
N SER A 119 28.29 3.26 -10.27
CA SER A 119 29.60 3.86 -10.03
C SER A 119 29.90 4.09 -8.55
N ARG A 120 28.86 4.36 -7.77
CA ARG A 120 29.03 4.57 -6.33
C ARG A 120 28.94 3.24 -5.59
N ASN A 121 28.96 2.13 -6.33
CA ASN A 121 28.91 0.79 -5.74
C ASN A 121 27.61 0.37 -5.08
N VAL A 122 26.49 0.64 -5.75
CA VAL A 122 25.19 0.27 -5.21
C VAL A 122 24.31 -0.47 -6.21
N LEU A 123 23.70 -1.55 -5.76
CA LEU A 123 22.79 -2.31 -6.62
C LEU A 123 21.44 -1.87 -6.09
N HIS A 124 20.54 -1.54 -7.01
CA HIS A 124 19.21 -1.12 -6.61
C HIS A 124 18.39 -2.37 -6.31
N ARG A 125 18.44 -3.33 -7.24
CA ARG A 125 17.76 -4.60 -7.09
C ARG A 125 16.25 -4.59 -6.96
N ASP A 126 15.60 -3.51 -7.39
CA ASP A 126 14.16 -3.42 -7.32
C ASP A 126 13.68 -2.44 -8.39
N LEU A 127 14.19 -2.62 -9.60
CA LEU A 127 13.82 -1.74 -10.67
C LEU A 127 12.52 -2.15 -11.37
N LYS A 128 11.50 -1.33 -11.19
CA LYS A 128 10.19 -1.55 -11.82
C LYS A 128 9.52 -0.18 -11.99
N PRO A 129 8.56 -0.07 -12.91
CA PRO A 129 7.88 1.22 -13.12
C PRO A 129 7.40 1.95 -11.89
N GLN A 130 6.87 1.21 -10.92
CA GLN A 130 6.39 1.86 -9.71
C GLN A 130 7.50 2.52 -8.89
N ASN A 131 8.74 2.10 -9.07
CA ASN A 131 9.84 2.71 -8.31
C ASN A 131 10.58 3.83 -9.10
N LEU A 132 9.98 4.26 -10.20
CA LEU A 132 10.54 5.33 -11.01
C LEU A 132 9.61 6.53 -10.87
N LEU A 133 10.15 7.64 -10.40
CA LEU A 133 9.34 8.83 -10.21
C LEU A 133 9.50 9.79 -11.40
N ILE A 134 8.40 10.47 -11.74
CA ILE A 134 8.42 11.43 -12.85
C ILE A 134 7.69 12.73 -12.51
N ASN A 135 8.35 13.85 -12.77
CA ASN A 135 7.76 15.16 -12.54
C ASN A 135 7.10 15.65 -13.83
N ARG A 136 6.15 16.58 -13.73
CA ARG A 136 5.52 17.12 -14.94
C ARG A 136 6.62 17.76 -15.79
N ASN A 137 7.66 18.25 -15.12
CA ASN A 137 8.79 18.88 -15.77
C ASN A 137 9.50 17.88 -16.67
N GLY A 138 8.94 16.67 -16.78
CA GLY A 138 9.52 15.63 -17.61
C GLY A 138 10.75 14.88 -17.08
N GLU A 139 11.23 15.19 -15.88
CA GLU A 139 12.39 14.46 -15.39
C GLU A 139 12.05 13.23 -14.51
N LEU A 140 12.86 12.19 -14.67
CA LEU A 140 12.66 10.91 -13.97
C LEU A 140 13.73 10.63 -12.91
N LYS A 141 13.29 10.11 -11.78
CA LYS A 141 14.21 9.82 -10.68
C LYS A 141 13.97 8.43 -10.11
N LEU A 142 15.06 7.76 -9.75
CA LEU A 142 15.02 6.43 -9.15
C LEU A 142 14.55 6.62 -7.71
N ALA A 143 13.75 5.68 -7.21
CA ALA A 143 13.27 5.77 -5.85
C ALA A 143 13.18 4.40 -5.19
N ASP A 144 12.82 4.41 -3.92
CA ASP A 144 12.65 3.20 -3.12
C ASP A 144 13.86 2.26 -3.13
N PHE A 145 14.89 2.64 -2.38
CA PHE A 145 16.12 1.85 -2.26
C PHE A 145 16.02 0.80 -1.16
N GLY A 146 14.79 0.50 -0.73
CA GLY A 146 14.59 -0.47 0.33
C GLY A 146 15.26 -1.80 0.11
N LEU A 147 15.43 -2.16 -1.16
CA LEU A 147 16.06 -3.43 -1.52
C LEU A 147 17.52 -3.25 -1.94
N ALA A 148 17.96 -2.00 -2.02
CA ALA A 148 19.31 -1.73 -2.45
C ALA A 148 20.34 -2.21 -1.44
N ARG A 149 21.61 -2.17 -1.84
CA ARG A 149 22.70 -2.56 -0.95
C ARG A 149 24.01 -2.18 -1.59
N ALA A 150 25.04 -2.04 -0.78
CA ALA A 150 26.36 -1.68 -1.26
C ALA A 150 27.03 -2.97 -1.63
N PHE A 151 28.08 -2.90 -2.45
CA PHE A 151 28.83 -4.08 -2.84
C PHE A 151 30.26 -3.68 -3.06
N GLY A 152 31.16 -4.63 -2.90
CA GLY A 152 32.57 -4.38 -3.10
C GLY A 152 33.37 -5.39 -2.32
N ILE A 153 32.97 -5.59 -1.08
CA ILE A 153 33.62 -6.56 -0.22
C ILE A 153 33.36 -7.97 -0.76
N PRO A 154 34.43 -8.79 -0.89
CA PRO A 154 34.21 -10.14 -1.40
C PRO A 154 33.21 -10.91 -0.54
N VAL A 155 31.95 -10.87 -0.92
CA VAL A 155 30.90 -11.56 -0.19
C VAL A 155 30.75 -12.96 -0.71
N ARG A 156 30.30 -13.87 0.15
CA ARG A 156 30.10 -15.24 -0.26
C ARG A 156 28.96 -15.26 -1.27
N CYS A 157 27.88 -14.53 -0.95
CA CYS A 157 26.69 -14.40 -1.79
C CYS A 157 25.75 -13.37 -1.18
N TYR A 158 24.77 -12.91 -1.97
CA TYR A 158 23.80 -11.93 -1.47
C TYR A 158 22.51 -12.69 -1.17
N SER A 159 21.42 -12.33 -1.82
CA SER A 159 20.14 -13.01 -1.60
C SER A 159 19.38 -13.10 -2.90
N ALA A 160 18.66 -14.19 -3.09
CA ALA A 160 17.90 -14.34 -4.33
C ALA A 160 16.49 -13.79 -4.24
N GLU A 161 16.11 -13.23 -3.08
CA GLU A 161 14.76 -12.68 -2.94
C GLU A 161 14.74 -11.17 -3.25
N VAL A 162 15.24 -10.86 -4.44
CA VAL A 162 15.33 -9.49 -4.90
C VAL A 162 14.63 -9.26 -6.23
N VAL A 163 14.14 -8.03 -6.42
CA VAL A 163 13.46 -7.64 -7.65
C VAL A 163 12.12 -8.36 -7.82
N THR A 164 11.06 -7.59 -8.04
CA THR A 164 9.74 -8.13 -8.28
C THR A 164 9.80 -9.13 -9.44
N LEU A 165 8.90 -10.11 -9.37
CA LEU A 165 8.84 -11.18 -10.37
C LEU A 165 9.05 -10.76 -11.84
N TRP A 166 8.17 -9.89 -12.33
CA TRP A 166 8.25 -9.47 -13.73
C TRP A 166 9.50 -8.75 -14.19
N TYR A 167 10.38 -8.39 -13.27
CA TYR A 167 11.60 -7.69 -13.69
C TYR A 167 12.82 -8.49 -13.27
N ARG A 168 12.57 -9.64 -12.65
CA ARG A 168 13.65 -10.50 -12.19
C ARG A 168 14.39 -11.15 -13.37
N PRO A 169 15.73 -11.04 -13.40
CA PRO A 169 16.46 -11.65 -14.52
C PRO A 169 16.48 -13.17 -14.40
N PRO A 170 16.54 -13.87 -15.54
CA PRO A 170 16.55 -15.32 -15.54
C PRO A 170 17.56 -16.00 -14.61
N ASP A 171 18.78 -15.48 -14.49
CA ASP A 171 19.76 -16.11 -13.60
C ASP A 171 19.26 -16.19 -12.16
N VAL A 172 18.67 -15.10 -11.69
CA VAL A 172 18.14 -15.04 -10.34
C VAL A 172 16.94 -15.98 -10.24
N LEU A 173 16.16 -16.07 -11.31
CA LEU A 173 15.00 -16.94 -11.33
C LEU A 173 15.54 -18.35 -11.14
N PHE A 174 16.70 -18.60 -11.72
CA PHE A 174 17.35 -19.90 -11.62
C PHE A 174 17.99 -20.04 -10.25
N GLY A 175 17.53 -19.24 -9.29
CA GLY A 175 18.06 -19.31 -7.93
C GLY A 175 19.43 -18.73 -7.63
N ALA A 176 20.06 -18.05 -8.59
CA ALA A 176 21.39 -17.46 -8.34
C ALA A 176 21.35 -16.51 -7.13
N LYS A 177 22.26 -16.75 -6.18
CA LYS A 177 22.34 -15.91 -4.98
C LYS A 177 23.42 -14.85 -5.11
N LEU A 178 24.31 -15.04 -6.08
CA LEU A 178 25.38 -14.09 -6.32
C LEU A 178 25.15 -13.43 -7.68
N TYR A 179 25.24 -12.10 -7.74
CA TYR A 179 25.04 -11.36 -8.98
C TYR A 179 25.77 -10.01 -8.97
N SER A 180 25.83 -9.37 -10.11
CA SER A 180 26.51 -8.08 -10.22
C SER A 180 25.52 -7.01 -10.62
N THR A 181 26.04 -5.86 -11.06
CA THR A 181 25.21 -4.74 -11.50
C THR A 181 24.35 -5.15 -12.69
N SER A 182 24.75 -6.21 -13.40
CA SER A 182 23.99 -6.67 -14.54
C SER A 182 22.54 -6.95 -14.14
N ILE A 183 22.31 -7.21 -12.86
CA ILE A 183 20.95 -7.50 -12.38
C ILE A 183 19.97 -6.33 -12.54
N ASP A 184 20.45 -5.10 -12.39
CA ASP A 184 19.56 -3.95 -12.55
C ASP A 184 19.43 -3.62 -14.02
N MET A 185 20.41 -4.05 -14.82
CA MET A 185 20.39 -3.82 -16.26
C MET A 185 19.25 -4.56 -16.96
N TRP A 186 18.99 -5.78 -16.51
CA TRP A 186 17.91 -6.58 -17.07
C TRP A 186 16.58 -5.89 -16.77
N SER A 187 16.39 -5.52 -15.53
CA SER A 187 15.17 -4.84 -15.18
C SER A 187 15.05 -3.60 -16.07
N ALA A 188 16.16 -2.89 -16.26
CA ALA A 188 16.15 -1.70 -17.09
C ALA A 188 15.63 -2.03 -18.51
N GLY A 189 16.16 -3.12 -19.08
CA GLY A 189 15.72 -3.56 -20.40
C GLY A 189 14.21 -3.76 -20.40
N CYS A 190 13.69 -4.48 -19.41
CA CYS A 190 12.24 -4.71 -19.33
C CYS A 190 11.53 -3.37 -19.33
N ILE A 191 11.90 -2.50 -18.40
CA ILE A 191 11.28 -1.19 -18.31
C ILE A 191 11.31 -0.49 -19.68
N PHE A 192 12.42 -0.64 -20.40
CA PHE A 192 12.53 -0.05 -21.73
C PHE A 192 11.42 -0.65 -22.62
N ALA A 193 11.36 -1.98 -22.69
CA ALA A 193 10.32 -2.62 -23.50
C ALA A 193 8.96 -2.02 -23.15
N GLU A 194 8.67 -1.93 -21.86
CA GLU A 194 7.41 -1.39 -21.40
C GLU A 194 7.29 0.04 -21.92
N LEU A 195 8.36 0.80 -21.79
CA LEU A 195 8.39 2.19 -22.22
C LEU A 195 8.00 2.31 -23.68
N ALA A 196 8.66 1.54 -24.54
CA ALA A 196 8.40 1.60 -25.97
C ALA A 196 7.24 0.79 -26.53
N ASN A 197 6.18 0.60 -25.74
CA ASN A 197 5.01 -0.11 -26.23
C ASN A 197 3.79 0.34 -25.45
N ALA A 198 2.73 -0.47 -25.48
CA ALA A 198 1.51 -0.11 -24.79
C ALA A 198 1.73 0.16 -23.31
N ALA A 199 2.99 0.19 -22.90
CA ALA A 199 3.34 0.43 -21.50
C ALA A 199 2.96 -0.78 -20.61
N ARG A 200 2.71 -1.92 -21.24
CA ARG A 200 2.36 -3.13 -20.51
C ARG A 200 3.64 -3.93 -20.25
N PRO A 201 3.73 -4.59 -19.09
CA PRO A 201 4.95 -5.37 -18.81
C PRO A 201 5.27 -6.32 -19.95
N LEU A 202 6.56 -6.52 -20.23
CA LEU A 202 6.98 -7.40 -21.31
C LEU A 202 6.97 -8.90 -20.96
N PHE A 203 7.07 -9.22 -19.66
CA PHE A 203 7.10 -10.61 -19.20
C PHE A 203 6.30 -10.77 -17.90
N PRO A 204 4.96 -10.71 -17.97
CA PRO A 204 4.12 -10.85 -16.75
C PRO A 204 3.72 -12.28 -16.31
N GLY A 205 4.67 -13.11 -15.90
CA GLY A 205 4.34 -14.46 -15.48
C GLY A 205 3.53 -14.55 -14.20
N ASN A 206 2.96 -15.73 -13.93
CA ASN A 206 2.14 -15.97 -12.75
C ASN A 206 2.94 -16.58 -11.59
N ASP A 207 4.18 -16.96 -11.89
CA ASP A 207 5.08 -17.57 -10.91
C ASP A 207 6.44 -17.73 -11.59
N VAL A 208 7.44 -18.15 -10.83
CA VAL A 208 8.78 -18.29 -11.37
C VAL A 208 8.83 -19.12 -12.65
N ASP A 209 8.30 -20.35 -12.61
CA ASP A 209 8.29 -21.22 -13.78
C ASP A 209 7.68 -20.48 -14.97
N ASP A 210 6.56 -19.82 -14.74
CA ASP A 210 5.91 -19.11 -15.82
C ASP A 210 6.80 -17.95 -16.31
N GLN A 211 7.44 -17.25 -15.37
CA GLN A 211 8.28 -16.13 -15.76
C GLN A 211 9.33 -16.60 -16.74
N LEU A 212 10.00 -17.69 -16.39
CA LEU A 212 11.02 -18.26 -17.23
C LEU A 212 10.49 -18.56 -18.64
N LYS A 213 9.35 -19.24 -18.72
CA LYS A 213 8.77 -19.59 -20.02
C LYS A 213 8.56 -18.39 -20.95
N ARG A 214 7.92 -17.34 -20.46
CA ARG A 214 7.66 -16.18 -21.29
C ARG A 214 8.95 -15.58 -21.83
N ILE A 215 9.99 -15.59 -20.99
CA ILE A 215 11.28 -15.04 -21.34
C ILE A 215 11.91 -15.84 -22.45
N PHE A 216 12.06 -17.14 -22.22
CA PHE A 216 12.69 -17.99 -23.22
C PHE A 216 11.82 -18.13 -24.46
N ARG A 217 10.51 -18.09 -24.26
CA ARG A 217 9.62 -18.21 -25.40
C ARG A 217 9.89 -17.10 -26.40
N LEU A 218 10.29 -15.93 -25.90
CA LEU A 218 10.58 -14.78 -26.76
C LEU A 218 12.06 -14.61 -27.10
N LEU A 219 12.93 -14.74 -26.12
CA LEU A 219 14.36 -14.57 -26.37
C LEU A 219 15.06 -15.83 -26.84
N GLY A 220 14.41 -16.98 -26.67
CA GLY A 220 15.01 -18.23 -27.07
C GLY A 220 15.71 -18.77 -25.84
N THR A 221 15.48 -20.05 -25.53
CA THR A 221 16.07 -20.70 -24.37
C THR A 221 17.59 -20.72 -24.44
N PRO A 222 18.27 -20.41 -23.34
CA PRO A 222 19.73 -20.39 -23.29
C PRO A 222 20.41 -21.74 -23.53
N THR A 223 21.48 -21.77 -24.31
CA THR A 223 22.21 -23.01 -24.55
C THR A 223 23.51 -22.95 -23.76
N GLU A 224 23.91 -24.09 -23.19
CA GLU A 224 25.12 -24.16 -22.39
C GLU A 224 26.31 -23.48 -23.06
N GLU A 225 26.26 -23.33 -24.38
CA GLU A 225 27.33 -22.68 -25.12
C GLU A 225 27.33 -21.18 -24.89
N GLN A 226 26.14 -20.60 -24.94
CA GLN A 226 25.95 -19.17 -24.75
C GLN A 226 25.97 -18.79 -23.28
N TRP A 227 25.61 -19.76 -22.42
CA TRP A 227 25.56 -19.51 -20.99
C TRP A 227 26.00 -20.74 -20.19
N PRO A 228 27.28 -21.11 -20.32
CA PRO A 228 27.92 -22.26 -19.66
C PRO A 228 27.62 -22.47 -18.17
N SER A 229 27.81 -21.44 -17.36
CA SER A 229 27.57 -21.56 -15.92
C SER A 229 26.11 -21.71 -15.45
N MET A 230 25.13 -21.55 -16.34
CA MET A 230 23.72 -21.64 -15.96
C MET A 230 23.27 -22.96 -15.30
N THR A 231 23.72 -24.09 -15.84
CA THR A 231 23.34 -25.39 -15.30
C THR A 231 23.80 -25.65 -13.86
N LYS A 232 24.80 -24.90 -13.43
CA LYS A 232 25.35 -25.03 -12.09
C LYS A 232 24.57 -24.23 -11.05
N LEU A 233 23.54 -23.53 -11.51
CA LEU A 233 22.72 -22.71 -10.63
C LEU A 233 21.74 -23.52 -9.79
N PRO A 234 21.63 -23.20 -8.49
CA PRO A 234 20.77 -23.81 -7.48
C PRO A 234 19.42 -24.29 -7.98
N ASP A 235 18.68 -23.42 -8.66
CA ASP A 235 17.36 -23.75 -9.15
C ASP A 235 17.21 -23.82 -10.67
N TYR A 236 18.28 -24.24 -11.35
CA TYR A 236 18.25 -24.36 -12.80
C TYR A 236 17.37 -25.52 -13.25
N LYS A 237 16.68 -25.32 -14.37
CA LYS A 237 15.81 -26.35 -14.97
C LYS A 237 15.93 -26.29 -16.49
N PRO A 238 16.09 -27.46 -17.15
CA PRO A 238 16.21 -27.57 -18.60
C PRO A 238 14.86 -27.33 -19.24
N TYR A 239 14.63 -26.12 -19.74
CA TYR A 239 13.35 -25.86 -20.38
C TYR A 239 13.43 -26.23 -21.86
N PRO A 240 12.27 -26.47 -22.49
CA PRO A 240 12.26 -26.83 -23.92
C PRO A 240 12.97 -25.73 -24.72
N MET A 241 13.77 -26.10 -25.70
CA MET A 241 14.49 -25.13 -26.51
C MET A 241 13.56 -24.38 -27.48
N TYR A 242 12.76 -23.45 -26.95
CA TYR A 242 11.85 -22.67 -27.78
C TYR A 242 12.63 -21.82 -28.77
N PRO A 243 12.08 -21.64 -29.99
CA PRO A 243 12.75 -20.83 -31.02
C PRO A 243 13.08 -19.44 -30.47
N ALA A 244 13.91 -18.72 -31.20
CA ALA A 244 14.31 -17.38 -30.79
C ALA A 244 13.53 -16.36 -31.59
N THR A 245 12.35 -15.97 -31.10
CA THR A 245 11.51 -14.97 -31.77
C THR A 245 12.20 -13.61 -31.68
N THR A 246 13.52 -13.64 -31.78
CA THR A 246 14.37 -12.45 -31.68
C THR A 246 13.96 -11.30 -32.57
N SER A 247 12.96 -11.51 -33.42
CA SER A 247 12.48 -10.42 -34.28
C SER A 247 11.63 -9.56 -33.34
N LEU A 248 12.28 -9.07 -32.28
CA LEU A 248 11.65 -8.23 -31.27
C LEU A 248 10.67 -7.21 -31.83
N VAL A 249 10.91 -6.75 -33.05
CA VAL A 249 10.04 -5.78 -33.69
C VAL A 249 8.59 -6.11 -33.38
N ASN A 250 8.28 -7.41 -33.36
CA ASN A 250 6.93 -7.88 -33.07
C ASN A 250 6.46 -7.36 -31.72
N VAL A 251 7.37 -7.40 -30.75
CA VAL A 251 7.05 -6.98 -29.39
C VAL A 251 7.39 -5.55 -29.01
N VAL A 252 7.86 -4.74 -29.96
CA VAL A 252 8.20 -3.36 -29.60
C VAL A 252 8.37 -2.46 -30.84
N PRO A 253 7.25 -2.14 -31.52
CA PRO A 253 7.08 -1.32 -32.74
C PRO A 253 7.50 0.15 -32.69
N LYS A 254 7.13 0.87 -31.64
CA LYS A 254 7.48 2.29 -31.50
C LYS A 254 8.94 2.44 -31.11
N LEU A 255 9.76 1.64 -31.79
CA LEU A 255 11.20 1.59 -31.57
C LEU A 255 11.94 1.29 -32.88
N ASN A 256 12.88 2.14 -33.24
CA ASN A 256 13.67 1.96 -34.45
C ASN A 256 14.48 0.66 -34.38
N ALA A 257 15.29 0.41 -35.41
CA ALA A 257 16.11 -0.80 -35.44
C ALA A 257 17.32 -0.65 -34.51
N THR A 258 17.81 0.58 -34.38
CA THR A 258 18.93 0.86 -33.51
C THR A 258 18.48 0.67 -32.06
N GLY A 259 17.31 1.22 -31.75
CA GLY A 259 16.78 1.10 -30.41
C GLY A 259 16.63 -0.36 -30.04
N ARG A 260 16.04 -1.13 -30.95
CA ARG A 260 15.83 -2.55 -30.73
C ARG A 260 17.16 -3.23 -30.43
N ASP A 261 18.23 -2.77 -31.08
CA ASP A 261 19.54 -3.36 -30.82
C ASP A 261 19.95 -3.20 -29.35
N LEU A 262 19.67 -2.04 -28.78
CA LEU A 262 19.99 -1.78 -27.38
C LEU A 262 19.11 -2.68 -26.49
N LEU A 263 17.81 -2.70 -26.75
CA LEU A 263 16.91 -3.54 -25.98
C LEU A 263 17.43 -4.98 -25.98
N GLN A 264 18.02 -5.40 -27.09
CA GLN A 264 18.54 -6.76 -27.16
C GLN A 264 19.79 -6.96 -26.30
N ASN A 265 20.63 -5.94 -26.19
CA ASN A 265 21.83 -6.08 -25.37
C ASN A 265 21.54 -5.99 -23.89
N LEU A 266 20.36 -5.46 -23.55
CA LEU A 266 19.96 -5.34 -22.16
C LEU A 266 19.29 -6.64 -21.72
N LEU A 267 18.57 -7.28 -22.64
CA LEU A 267 17.87 -8.50 -22.32
C LEU A 267 18.63 -9.79 -22.61
N LYS A 268 19.92 -9.80 -22.31
CA LYS A 268 20.70 -11.00 -22.52
C LYS A 268 20.44 -11.86 -21.29
N CYS A 269 20.14 -13.14 -21.49
CA CYS A 269 19.87 -14.01 -20.35
C CYS A 269 21.14 -14.19 -19.50
N ASN A 270 22.27 -14.38 -20.16
CA ASN A 270 23.51 -14.57 -19.44
C ASN A 270 23.91 -13.23 -18.85
N PRO A 271 23.88 -13.13 -17.52
CA PRO A 271 24.25 -11.87 -16.87
C PRO A 271 25.48 -11.19 -17.49
N VAL A 272 26.57 -11.95 -17.60
CA VAL A 272 27.83 -11.44 -18.17
C VAL A 272 27.70 -10.76 -19.56
N GLN A 273 26.71 -11.17 -20.35
CA GLN A 273 26.51 -10.60 -21.70
C GLN A 273 25.70 -9.30 -21.69
N ARG A 274 25.25 -8.86 -20.51
CA ARG A 274 24.46 -7.64 -20.40
C ARG A 274 25.33 -6.39 -20.48
N ILE A 275 24.92 -5.46 -21.32
CA ILE A 275 25.65 -4.21 -21.45
C ILE A 275 25.51 -3.48 -20.11
N SER A 276 26.46 -2.60 -19.82
CA SER A 276 26.40 -1.83 -18.59
C SER A 276 25.73 -0.51 -18.88
N ALA A 277 25.47 0.26 -17.83
CA ALA A 277 24.84 1.56 -17.99
C ALA A 277 25.72 2.49 -18.82
N GLU A 278 27.02 2.50 -18.56
CA GLU A 278 27.91 3.36 -19.33
C GLU A 278 27.71 3.09 -20.82
N GLU A 279 27.95 1.84 -21.19
CA GLU A 279 27.81 1.38 -22.56
C GLU A 279 26.44 1.75 -23.10
N ALA A 280 25.41 1.36 -22.37
CA ALA A 280 24.05 1.65 -22.80
C ALA A 280 23.91 3.12 -23.18
N LEU A 281 24.43 4.01 -22.32
CA LEU A 281 24.36 5.44 -22.58
C LEU A 281 25.18 5.89 -23.79
N GLN A 282 26.25 5.15 -24.08
CA GLN A 282 27.11 5.47 -25.23
C GLN A 282 26.62 4.71 -26.46
N HIS A 283 25.39 4.22 -26.40
CA HIS A 283 24.84 3.45 -27.49
C HIS A 283 24.28 4.34 -28.60
N PRO A 284 24.47 3.94 -29.86
CA PRO A 284 23.95 4.73 -30.99
C PRO A 284 22.53 5.27 -30.79
N TYR A 285 21.65 4.41 -30.30
CA TYR A 285 20.26 4.81 -30.05
C TYR A 285 20.15 6.21 -29.43
N PHE A 286 21.21 6.63 -28.73
CA PHE A 286 21.27 7.94 -28.07
C PHE A 286 22.05 8.99 -28.86
N SER A 287 21.36 9.97 -29.42
CA SER A 287 22.01 11.05 -30.17
C SER A 287 21.28 12.37 -30.04
N GLN B 2 -4.74 -16.93 15.33
CA GLN B 2 -3.49 -17.74 15.46
C GLN B 2 -3.61 -19.11 14.80
N LYS B 3 -4.79 -19.42 14.26
CA LYS B 3 -5.02 -20.69 13.58
C LYS B 3 -4.68 -20.50 12.10
N TYR B 4 -3.90 -19.46 11.80
CA TYR B 4 -3.50 -19.15 10.43
C TYR B 4 -1.99 -19.17 10.24
N GLU B 5 -1.56 -19.44 9.01
CA GLU B 5 -0.14 -19.51 8.67
C GLU B 5 0.20 -18.51 7.57
N LYS B 6 0.56 -17.29 7.95
CA LYS B 6 0.92 -16.26 6.98
C LYS B 6 1.86 -16.77 5.90
N LEU B 7 1.87 -16.08 4.76
CA LEU B 7 2.72 -16.45 3.64
C LEU B 7 3.12 -15.16 2.94
N GLU B 8 3.23 -15.21 1.62
CA GLU B 8 3.58 -14.02 0.87
C GLU B 8 2.53 -12.98 1.22
N LYS B 9 2.95 -11.77 1.57
CA LYS B 9 1.98 -10.73 1.89
C LYS B 9 1.76 -9.80 0.71
N ILE B 10 0.49 -9.53 0.40
CA ILE B 10 0.11 -8.67 -0.71
C ILE B 10 -0.19 -7.26 -0.19
N TYR B 15 -6.77 -0.55 4.38
CA TYR B 15 -6.15 -0.32 5.67
C TYR B 15 -4.75 -0.87 5.64
N GLY B 16 -4.34 -1.48 6.75
CA GLY B 16 -3.01 -2.04 6.83
C GLY B 16 -2.65 -2.96 5.67
N THR B 17 -1.75 -3.90 5.93
CA THR B 17 -1.32 -4.83 4.89
C THR B 17 -2.26 -6.03 4.73
N VAL B 18 -2.30 -6.58 3.52
CA VAL B 18 -3.12 -7.73 3.20
C VAL B 18 -2.14 -8.88 2.92
N PHE B 19 -2.23 -9.94 3.70
CA PHE B 19 -1.34 -11.10 3.54
C PHE B 19 -2.09 -12.33 3.06
N LYS B 20 -1.38 -13.20 2.35
CA LYS B 20 -1.97 -14.45 1.88
C LYS B 20 -1.76 -15.38 3.07
N ALA B 21 -2.59 -16.41 3.20
CA ALA B 21 -2.44 -17.33 4.31
C ALA B 21 -3.18 -18.64 4.13
N LYS B 22 -2.80 -19.61 4.94
CA LYS B 22 -3.37 -20.96 4.92
C LYS B 22 -4.02 -21.19 6.28
N ASN B 23 -5.12 -21.94 6.30
CA ASN B 23 -5.82 -22.20 7.55
C ASN B 23 -5.12 -23.27 8.38
N ARG B 24 -4.22 -24.02 7.74
CA ARG B 24 -3.47 -25.12 8.35
C ARG B 24 -4.29 -26.14 9.14
N GLU B 25 -5.41 -25.72 9.72
CA GLU B 25 -6.26 -26.63 10.47
C GLU B 25 -7.30 -27.21 9.52
N THR B 26 -7.48 -26.52 8.40
CA THR B 26 -8.42 -26.94 7.35
C THR B 26 -7.70 -26.61 6.05
N HIS B 27 -6.47 -26.14 6.20
CA HIS B 27 -5.60 -25.76 5.10
C HIS B 27 -6.24 -24.99 3.94
N GLU B 28 -7.28 -24.21 4.23
CA GLU B 28 -7.92 -23.41 3.18
C GLU B 28 -7.11 -22.13 3.05
N ILE B 29 -7.10 -21.54 1.86
CA ILE B 29 -6.36 -20.30 1.66
C ILE B 29 -7.27 -19.08 1.81
N VAL B 30 -6.78 -18.13 2.61
CA VAL B 30 -7.52 -16.92 2.90
C VAL B 30 -6.63 -15.71 2.66
N ALA B 31 -7.19 -14.55 2.95
CA ALA B 31 -6.46 -13.31 2.82
C ALA B 31 -6.72 -12.55 4.10
N LEU B 32 -5.65 -12.09 4.75
CA LEU B 32 -5.75 -11.35 6.01
C LEU B 32 -5.55 -9.85 5.80
N LYS B 33 -6.35 -9.05 6.49
CA LYS B 33 -6.29 -7.58 6.42
C LYS B 33 -6.11 -7.20 7.87
N ARG B 34 -4.88 -6.95 8.28
CA ARG B 34 -4.63 -6.62 9.67
C ARG B 34 -4.61 -5.12 9.94
N VAL B 35 -5.74 -4.63 10.44
CA VAL B 35 -5.94 -3.21 10.75
C VAL B 35 -5.45 -2.89 12.15
N ARG B 36 -4.72 -1.79 12.26
CA ARG B 36 -4.15 -1.32 13.54
C ARG B 36 -5.19 -0.51 14.30
N LEU B 37 -5.21 -0.67 15.61
CA LEU B 37 -6.16 0.05 16.47
C LEU B 37 -5.48 1.20 17.20
N ASP B 38 -4.35 1.66 16.66
CA ASP B 38 -3.61 2.76 17.26
C ASP B 38 -2.58 3.36 16.29
N GLY B 43 -9.36 7.18 12.40
CA GLY B 43 -10.54 6.89 11.61
C GLY B 43 -10.45 5.59 10.83
N VAL B 44 -9.28 4.95 10.88
CA VAL B 44 -9.06 3.69 10.20
C VAL B 44 -10.01 2.63 10.76
N PRO B 45 -10.03 2.48 12.10
CA PRO B 45 -10.88 1.50 12.75
C PRO B 45 -12.37 1.66 12.44
N SER B 46 -12.87 2.88 12.52
CA SER B 46 -14.29 3.11 12.27
C SER B 46 -14.66 2.69 10.86
N SER B 47 -13.76 2.87 9.90
CA SER B 47 -14.08 2.47 8.54
C SER B 47 -14.03 0.95 8.50
N ALA B 48 -13.06 0.38 9.19
CA ALA B 48 -12.93 -1.07 9.22
C ALA B 48 -14.19 -1.69 9.81
N LEU B 49 -14.69 -1.11 10.91
CA LEU B 49 -15.88 -1.61 11.57
C LEU B 49 -17.09 -1.53 10.68
N ARG B 50 -17.21 -0.42 9.95
CA ARG B 50 -18.35 -0.26 9.02
C ARG B 50 -18.24 -1.33 7.93
N GLU B 51 -17.03 -1.56 7.44
CA GLU B 51 -16.86 -2.57 6.42
C GLU B 51 -17.33 -3.94 6.93
N ILE B 52 -16.87 -4.33 8.11
CA ILE B 52 -17.28 -5.60 8.69
C ILE B 52 -18.82 -5.68 8.68
N CYS B 53 -19.47 -4.70 9.33
CA CYS B 53 -20.95 -4.64 9.41
C CYS B 53 -21.63 -4.88 8.08
N LEU B 54 -21.25 -4.07 7.09
CA LEU B 54 -21.83 -4.18 5.77
C LEU B 54 -21.57 -5.56 5.16
N LEU B 55 -20.33 -6.03 5.19
CA LEU B 55 -20.04 -7.33 4.62
C LEU B 55 -20.80 -8.47 5.29
N LYS B 56 -21.01 -8.42 6.61
CA LYS B 56 -21.76 -9.52 7.26
C LYS B 56 -23.14 -9.71 6.62
N GLU B 57 -23.72 -8.62 6.12
CA GLU B 57 -25.04 -8.66 5.50
C GLU B 57 -25.05 -8.70 3.98
N LEU B 58 -23.90 -8.96 3.37
CA LEU B 58 -23.83 -9.00 1.91
C LEU B 58 -23.27 -10.31 1.35
N LYS B 59 -24.08 -11.35 1.32
CA LYS B 59 -23.60 -12.63 0.80
C LYS B 59 -24.05 -12.84 -0.64
N HIS B 60 -23.08 -12.87 -1.55
CA HIS B 60 -23.37 -13.07 -2.97
C HIS B 60 -22.10 -13.59 -3.60
N LYS B 61 -22.24 -14.31 -4.70
CA LYS B 61 -21.10 -14.89 -5.40
C LYS B 61 -20.19 -13.86 -6.03
N ASN B 62 -20.69 -12.65 -6.23
CA ASN B 62 -19.89 -11.60 -6.84
C ASN B 62 -19.43 -10.49 -5.89
N ILE B 63 -19.52 -10.77 -4.60
CA ILE B 63 -19.08 -9.84 -3.56
C ILE B 63 -18.18 -10.70 -2.71
N VAL B 64 -16.95 -10.24 -2.48
CA VAL B 64 -15.98 -10.99 -1.70
C VAL B 64 -16.50 -11.40 -0.32
N ARG B 65 -16.18 -12.60 0.11
CA ARG B 65 -16.63 -13.11 1.41
C ARG B 65 -15.70 -12.74 2.56
N LEU B 66 -16.31 -12.43 3.70
CA LEU B 66 -15.60 -12.12 4.93
C LEU B 66 -15.86 -13.33 5.81
N HIS B 67 -14.87 -14.21 5.94
CA HIS B 67 -15.04 -15.42 6.74
C HIS B 67 -15.06 -15.22 8.25
N ASP B 68 -14.17 -14.39 8.79
CA ASP B 68 -14.13 -14.20 10.24
C ASP B 68 -13.46 -12.88 10.63
N VAL B 69 -13.43 -12.60 11.93
CA VAL B 69 -12.76 -11.39 12.43
C VAL B 69 -12.11 -11.71 13.76
N LEU B 70 -10.85 -11.31 13.90
CA LEU B 70 -10.11 -11.58 15.12
C LEU B 70 -9.58 -10.29 15.76
N HIS B 71 -9.54 -10.25 17.08
CA HIS B 71 -9.02 -9.09 17.81
C HIS B 71 -7.89 -9.59 18.70
N SER B 72 -6.67 -9.52 18.19
CA SER B 72 -5.51 -9.96 18.96
C SER B 72 -4.30 -9.08 18.70
N ASP B 73 -3.58 -8.75 19.77
CA ASP B 73 -2.38 -7.93 19.69
C ASP B 73 -2.68 -6.48 19.29
N LYS B 74 -3.76 -5.93 19.83
CA LYS B 74 -4.15 -4.55 19.51
C LYS B 74 -4.35 -4.43 18.01
N LYS B 75 -4.87 -5.48 17.39
CA LYS B 75 -5.06 -5.45 15.94
C LYS B 75 -6.27 -6.26 15.48
N LEU B 76 -7.07 -5.68 14.59
CA LEU B 76 -8.21 -6.40 14.03
C LEU B 76 -7.72 -7.04 12.74
N THR B 77 -8.14 -8.28 12.52
CA THR B 77 -7.74 -8.99 11.33
C THR B 77 -8.97 -9.50 10.63
N LEU B 78 -9.19 -9.00 9.42
CA LEU B 78 -10.34 -9.37 8.62
C LEU B 78 -9.90 -10.59 7.85
N VAL B 79 -10.62 -11.69 7.97
CA VAL B 79 -10.26 -12.91 7.25
C VAL B 79 -11.11 -13.01 6.00
N PHE B 80 -10.51 -12.66 4.86
CA PHE B 80 -11.21 -12.68 3.58
C PHE B 80 -10.96 -13.93 2.75
N GLU B 81 -11.82 -14.18 1.76
CA GLU B 81 -11.63 -15.33 0.89
C GLU B 81 -10.49 -14.85 0.04
N PHE B 82 -9.78 -15.76 -0.61
CA PHE B 82 -8.66 -15.38 -1.43
C PHE B 82 -9.04 -15.27 -2.89
N CYS B 83 -8.42 -14.32 -3.56
CA CYS B 83 -8.64 -14.11 -4.99
C CYS B 83 -7.28 -13.98 -5.65
N ASP B 84 -7.13 -14.70 -6.74
CA ASP B 84 -5.87 -14.71 -7.46
C ASP B 84 -5.32 -13.30 -7.67
N GLN B 85 -6.16 -12.37 -8.12
CA GLN B 85 -5.69 -11.01 -8.33
C GLN B 85 -6.83 -10.01 -8.60
N ASP B 86 -6.50 -8.72 -8.56
CA ASP B 86 -7.47 -7.64 -8.80
C ASP B 86 -7.50 -7.28 -10.30
N LEU B 87 -8.64 -6.77 -10.77
CA LEU B 87 -8.76 -6.42 -12.19
C LEU B 87 -7.61 -5.55 -12.71
N LYS B 88 -7.15 -4.63 -11.88
CA LYS B 88 -6.06 -3.75 -12.28
C LYS B 88 -4.85 -4.60 -12.69
N LYS B 89 -4.46 -5.54 -11.84
CA LYS B 89 -3.32 -6.39 -12.19
C LYS B 89 -3.66 -7.29 -13.38
N TYR B 90 -4.94 -7.63 -13.51
CA TYR B 90 -5.38 -8.47 -14.62
C TYR B 90 -5.01 -7.79 -15.93
N PHE B 91 -5.27 -6.49 -15.99
CA PHE B 91 -4.96 -5.68 -17.16
C PHE B 91 -3.48 -5.78 -17.51
N ASP B 92 -2.64 -6.01 -16.51
CA ASP B 92 -1.20 -6.11 -16.76
C ASP B 92 -0.78 -7.51 -17.23
N SER B 93 -1.41 -8.54 -16.67
CA SER B 93 -1.14 -9.93 -17.03
C SER B 93 -1.35 -10.02 -18.53
N CYS B 94 -2.59 -10.17 -18.96
CA CYS B 94 -2.85 -10.17 -20.38
C CYS B 94 -2.39 -8.74 -20.62
N ASN B 95 -2.03 -8.36 -21.86
CA ASN B 95 -1.53 -7.01 -22.07
C ASN B 95 -2.55 -5.92 -22.40
N GLY B 96 -3.64 -5.88 -21.64
CA GLY B 96 -4.63 -4.84 -21.88
C GLY B 96 -5.85 -5.27 -22.66
N ASP B 97 -5.68 -5.77 -23.87
CA ASP B 97 -6.85 -6.17 -24.65
C ASP B 97 -7.39 -7.52 -24.22
N LEU B 98 -8.67 -7.50 -23.85
CA LEU B 98 -9.37 -8.68 -23.39
C LEU B 98 -10.29 -9.12 -24.50
N ASP B 99 -10.57 -10.41 -24.52
CA ASP B 99 -11.48 -11.01 -25.49
C ASP B 99 -12.89 -10.44 -25.23
N PRO B 100 -13.56 -9.91 -26.28
CA PRO B 100 -14.91 -9.34 -26.16
C PRO B 100 -15.87 -10.13 -25.28
N GLU B 101 -15.67 -11.44 -25.21
CA GLU B 101 -16.52 -12.30 -24.40
C GLU B 101 -16.15 -12.11 -22.93
N ILE B 102 -14.89 -11.78 -22.70
CA ILE B 102 -14.41 -11.56 -21.35
C ILE B 102 -14.96 -10.21 -20.87
N VAL B 103 -14.93 -9.22 -21.75
CA VAL B 103 -15.44 -7.90 -21.42
C VAL B 103 -16.85 -8.08 -20.86
N LYS B 104 -17.68 -8.79 -21.62
CA LYS B 104 -19.07 -9.04 -21.25
C LYS B 104 -19.25 -9.75 -19.91
N SER B 105 -18.45 -10.79 -19.68
CA SER B 105 -18.56 -11.54 -18.44
C SER B 105 -18.19 -10.69 -17.21
N PHE B 106 -17.08 -9.97 -17.28
CA PHE B 106 -16.68 -9.14 -16.16
C PHE B 106 -17.73 -8.05 -15.92
N LEU B 107 -18.34 -7.53 -16.98
CA LEU B 107 -19.33 -6.50 -16.80
C LEU B 107 -20.62 -7.11 -16.29
N PHE B 108 -20.84 -8.37 -16.60
CA PHE B 108 -22.05 -9.02 -16.15
C PHE B 108 -21.95 -9.25 -14.64
N GLN B 109 -20.84 -9.82 -14.21
CA GLN B 109 -20.69 -10.12 -12.80
C GLN B 109 -20.59 -8.86 -11.96
N LEU B 110 -19.98 -7.81 -12.52
CA LEU B 110 -19.87 -6.55 -11.79
C LEU B 110 -21.26 -6.04 -11.53
N LEU B 111 -22.01 -5.84 -12.61
CA LEU B 111 -23.39 -5.36 -12.51
C LEU B 111 -24.21 -6.27 -11.60
N LYS B 112 -23.89 -7.55 -11.60
CA LYS B 112 -24.63 -8.49 -10.77
C LYS B 112 -24.26 -8.28 -9.30
N GLY B 113 -22.99 -8.01 -9.03
CA GLY B 113 -22.59 -7.79 -7.65
C GLY B 113 -23.08 -6.45 -7.12
N LEU B 114 -22.85 -5.41 -7.91
CA LEU B 114 -23.26 -4.06 -7.55
C LEU B 114 -24.77 -4.06 -7.45
N GLY B 115 -25.41 -4.70 -8.43
CA GLY B 115 -26.86 -4.79 -8.46
C GLY B 115 -27.38 -5.35 -7.15
N PHE B 116 -26.69 -6.34 -6.61
CA PHE B 116 -27.09 -6.94 -5.36
C PHE B 116 -26.91 -5.95 -4.20
N CYS B 117 -25.79 -5.23 -4.18
CA CYS B 117 -25.53 -4.25 -3.11
C CYS B 117 -26.62 -3.17 -3.08
N HIS B 118 -27.02 -2.72 -4.26
CA HIS B 118 -28.05 -1.71 -4.31
C HIS B 118 -29.35 -2.27 -3.74
N SER B 119 -29.71 -3.49 -4.12
CA SER B 119 -30.96 -4.03 -3.61
C SER B 119 -30.95 -4.13 -2.09
N ARG B 120 -29.76 -4.30 -1.51
CA ARG B 120 -29.63 -4.44 -0.07
C ARG B 120 -29.45 -3.10 0.63
N ASN B 121 -29.46 -2.02 -0.15
CA ASN B 121 -29.32 -0.68 0.40
C ASN B 121 -27.91 -0.29 0.83
N VAL B 122 -26.93 -0.61 -0.01
CA VAL B 122 -25.57 -0.26 0.28
C VAL B 122 -24.87 0.29 -0.95
N LEU B 123 -24.28 1.47 -0.83
CA LEU B 123 -23.54 2.08 -1.95
C LEU B 123 -22.10 1.68 -1.67
N HIS B 124 -21.35 1.34 -2.72
CA HIS B 124 -19.97 0.96 -2.54
C HIS B 124 -19.10 2.22 -2.53
N ARG B 125 -19.40 3.12 -3.46
CA ARG B 125 -18.71 4.39 -3.56
C ARG B 125 -17.21 4.34 -3.79
N ASP B 126 -16.67 3.15 -4.08
CA ASP B 126 -15.25 3.04 -4.38
C ASP B 126 -15.02 2.02 -5.49
N LEU B 127 -15.91 2.05 -6.48
CA LEU B 127 -15.80 1.14 -7.59
C LEU B 127 -14.65 1.56 -8.50
N LYS B 128 -13.63 0.71 -8.57
CA LYS B 128 -12.47 0.96 -9.41
C LYS B 128 -11.75 -0.38 -9.59
N PRO B 129 -11.04 -0.57 -10.71
CA PRO B 129 -10.32 -1.81 -11.01
C PRO B 129 -9.66 -2.52 -9.83
N GLN B 130 -8.83 -1.79 -9.08
CA GLN B 130 -8.15 -2.37 -7.93
C GLN B 130 -9.11 -2.97 -6.89
N ASN B 131 -10.33 -2.45 -6.77
CA ASN B 131 -11.27 -3.02 -5.81
C ASN B 131 -12.09 -4.15 -6.42
N LEU B 132 -11.75 -4.53 -7.64
CA LEU B 132 -12.45 -5.63 -8.29
C LEU B 132 -11.51 -6.83 -8.35
N LEU B 133 -11.91 -7.92 -7.72
CA LEU B 133 -11.11 -9.15 -7.65
C LEU B 133 -11.49 -10.18 -8.71
N ILE B 134 -10.47 -10.89 -9.22
CA ILE B 134 -10.68 -11.90 -10.25
C ILE B 134 -9.91 -13.21 -10.05
N ASN B 135 -10.66 -14.32 -10.05
CA ASN B 135 -10.11 -15.68 -9.91
C ASN B 135 -9.75 -16.20 -11.30
N ARG B 136 -8.95 -17.26 -11.39
CA ARG B 136 -8.63 -17.77 -12.71
C ARG B 136 -9.88 -18.37 -13.36
N ASN B 137 -10.84 -18.77 -12.54
CA ASN B 137 -12.10 -19.33 -13.04
C ASN B 137 -12.72 -18.30 -13.98
N GLY B 138 -12.43 -17.04 -13.71
CA GLY B 138 -12.99 -15.98 -14.52
C GLY B 138 -14.10 -15.26 -13.77
N GLU B 139 -14.23 -15.54 -12.47
CA GLU B 139 -15.26 -14.88 -11.69
C GLU B 139 -14.71 -13.59 -11.09
N LEU B 140 -15.54 -12.55 -11.11
CA LEU B 140 -15.19 -11.24 -10.59
C LEU B 140 -15.94 -10.97 -9.30
N LYS B 141 -15.29 -10.25 -8.38
CA LYS B 141 -15.91 -9.94 -7.09
C LYS B 141 -15.61 -8.53 -6.59
N LEU B 142 -16.65 -7.86 -6.10
CA LEU B 142 -16.49 -6.52 -5.56
C LEU B 142 -15.82 -6.65 -4.20
N ALA B 143 -14.91 -5.74 -3.90
CA ALA B 143 -14.21 -5.79 -2.64
C ALA B 143 -13.96 -4.40 -2.08
N ASP B 144 -13.30 -4.37 -0.93
CA ASP B 144 -12.94 -3.13 -0.26
C ASP B 144 -14.12 -2.19 -0.05
N PHE B 145 -14.99 -2.55 0.90
CA PHE B 145 -16.15 -1.74 1.22
C PHE B 145 -15.81 -0.69 2.26
N GLY B 146 -14.54 -0.32 2.35
CA GLY B 146 -14.11 0.65 3.34
C GLY B 146 -14.79 2.00 3.24
N LEU B 147 -15.30 2.32 2.05
CA LEU B 147 -15.97 3.60 1.84
C LEU B 147 -17.47 3.44 1.67
N ALA B 148 -17.95 2.21 1.78
CA ALA B 148 -19.38 1.97 1.59
C ALA B 148 -20.22 2.45 2.76
N ARG B 149 -21.53 2.45 2.56
CA ARG B 149 -22.45 2.84 3.61
C ARG B 149 -23.84 2.38 3.26
N ALA B 150 -24.71 2.34 4.25
CA ALA B 150 -26.08 1.93 4.02
C ALA B 150 -26.80 3.22 3.73
N PHE B 151 -27.89 3.13 2.99
CA PHE B 151 -28.67 4.31 2.68
C PHE B 151 -30.12 3.89 2.79
N GLY B 152 -30.96 4.81 3.25
CA GLY B 152 -32.36 4.52 3.41
C GLY B 152 -33.02 5.53 4.34
N ILE B 153 -32.34 5.87 5.42
CA ILE B 153 -32.85 6.84 6.38
C ILE B 153 -32.64 8.26 5.85
N PRO B 154 -33.69 9.09 5.92
CA PRO B 154 -33.63 10.48 5.46
C PRO B 154 -32.40 11.20 6.01
N VAL B 155 -31.36 11.29 5.19
CA VAL B 155 -30.13 11.96 5.59
C VAL B 155 -30.07 13.34 4.98
N ARG B 156 -29.49 14.28 5.73
CA ARG B 156 -29.34 15.65 5.26
C ARG B 156 -28.38 15.64 4.06
N CYS B 157 -27.31 14.86 4.18
CA CYS B 157 -26.29 14.76 3.12
C CYS B 157 -25.18 13.76 3.49
N TYR B 158 -24.55 13.14 2.50
CA TYR B 158 -23.46 12.19 2.77
C TYR B 158 -22.16 12.97 2.74
N SER B 159 -21.18 12.47 1.99
CA SER B 159 -19.89 13.14 1.88
C SER B 159 -19.46 13.06 0.42
N ALA B 160 -18.78 14.10 -0.07
CA ALA B 160 -18.34 14.10 -1.47
C ALA B 160 -16.95 13.49 -1.62
N GLU B 161 -16.33 13.10 -0.51
CA GLU B 161 -14.99 12.53 -0.57
C GLU B 161 -15.05 11.02 -0.72
N VAL B 162 -15.76 10.61 -1.77
CA VAL B 162 -15.94 9.20 -2.08
C VAL B 162 -15.56 8.93 -3.54
N VAL B 163 -14.97 7.75 -3.78
CA VAL B 163 -14.54 7.30 -5.11
C VAL B 163 -13.30 8.05 -5.59
N THR B 164 -12.33 7.32 -6.10
CA THR B 164 -11.10 7.91 -6.63
C THR B 164 -11.43 8.84 -7.79
N LEU B 165 -10.67 9.93 -7.88
CA LEU B 165 -10.85 10.94 -8.91
C LEU B 165 -11.26 10.44 -10.29
N TRP B 166 -10.47 9.55 -10.89
CA TRP B 166 -10.80 9.08 -12.23
C TRP B 166 -12.12 8.35 -12.37
N TYR B 167 -12.81 8.08 -11.28
CA TYR B 167 -14.08 7.38 -11.40
C TYR B 167 -15.17 8.20 -10.75
N ARG B 168 -14.83 9.41 -10.33
CA ARG B 168 -15.81 10.28 -9.67
C ARG B 168 -16.83 10.87 -10.67
N PRO B 169 -18.13 10.64 -10.43
CA PRO B 169 -19.12 11.21 -11.36
C PRO B 169 -19.09 12.74 -11.32
N PRO B 170 -19.42 13.39 -12.44
CA PRO B 170 -19.39 14.87 -12.41
C PRO B 170 -20.24 15.56 -11.35
N ASP B 171 -21.40 15.03 -10.99
CA ASP B 171 -22.19 15.70 -9.96
C ASP B 171 -21.36 15.79 -8.68
N VAL B 172 -20.58 14.75 -8.42
CA VAL B 172 -19.73 14.73 -7.24
C VAL B 172 -18.53 15.67 -7.43
N LEU B 173 -18.06 15.80 -8.66
CA LEU B 173 -16.94 16.69 -8.95
C LEU B 173 -17.41 18.14 -8.80
N PHE B 174 -18.72 18.36 -8.85
CA PHE B 174 -19.31 19.69 -8.70
C PHE B 174 -19.73 19.97 -7.25
N GLY B 175 -19.18 19.20 -6.31
CA GLY B 175 -19.52 19.38 -4.90
C GLY B 175 -20.76 18.68 -4.37
N ALA B 176 -21.45 17.93 -5.20
CA ALA B 176 -22.65 17.24 -4.76
C ALA B 176 -22.38 16.37 -3.52
N LYS B 177 -23.11 16.64 -2.44
CA LYS B 177 -22.94 15.88 -1.21
C LYS B 177 -24.04 14.86 -1.01
N LEU B 178 -25.04 14.91 -1.88
CA LEU B 178 -26.12 13.95 -1.81
C LEU B 178 -26.13 13.22 -3.15
N TYR B 179 -26.38 11.92 -3.11
CA TYR B 179 -26.41 11.11 -4.32
C TYR B 179 -27.01 9.75 -4.03
N SER B 180 -27.39 9.05 -5.09
CA SER B 180 -27.98 7.74 -4.96
C SER B 180 -27.05 6.68 -5.51
N THR B 181 -27.65 5.53 -5.81
CA THR B 181 -26.94 4.39 -6.37
C THR B 181 -26.24 4.81 -7.67
N SER B 182 -26.80 5.83 -8.31
CA SER B 182 -26.26 6.34 -9.55
C SER B 182 -24.74 6.57 -9.47
N ILE B 183 -24.27 6.94 -8.28
CA ILE B 183 -22.85 7.21 -8.09
C ILE B 183 -22.03 6.00 -8.46
N ASP B 184 -22.46 4.80 -8.05
CA ASP B 184 -21.73 3.58 -8.38
C ASP B 184 -21.91 3.26 -9.86
N MET B 185 -23.09 3.57 -10.40
CA MET B 185 -23.38 3.30 -11.80
C MET B 185 -22.42 3.99 -12.75
N TRP B 186 -22.10 5.24 -12.47
CA TRP B 186 -21.15 5.96 -13.29
C TRP B 186 -19.78 5.28 -13.27
N SER B 187 -19.36 4.80 -12.11
CA SER B 187 -18.05 4.16 -11.99
C SER B 187 -18.03 2.87 -12.79
N ALA B 188 -19.14 2.15 -12.77
CA ALA B 188 -19.23 0.89 -13.49
C ALA B 188 -18.93 1.16 -15.00
N GLY B 189 -19.59 2.19 -15.53
CA GLY B 189 -19.38 2.56 -16.92
C GLY B 189 -17.91 2.81 -17.20
N CYS B 190 -17.29 3.68 -16.39
CA CYS B 190 -15.86 3.98 -16.59
C CYS B 190 -15.13 2.62 -16.68
N ILE B 191 -15.37 1.76 -15.70
CA ILE B 191 -14.73 0.47 -15.72
C ILE B 191 -15.05 -0.27 -17.03
N PHE B 192 -16.29 -0.20 -17.48
CA PHE B 192 -16.67 -0.87 -18.72
C PHE B 192 -15.82 -0.32 -19.89
N ALA B 193 -15.68 1.00 -19.96
CA ALA B 193 -14.85 1.60 -21.00
C ALA B 193 -13.41 1.08 -20.85
N GLU B 194 -12.95 0.99 -19.61
CA GLU B 194 -11.59 0.51 -19.36
C GLU B 194 -11.51 -0.94 -19.85
N LEU B 195 -12.56 -1.70 -19.57
CA LEU B 195 -12.61 -3.10 -19.96
C LEU B 195 -12.52 -3.29 -21.47
N ALA B 196 -13.34 -2.58 -22.22
CA ALA B 196 -13.39 -2.74 -23.68
C ALA B 196 -12.25 -2.15 -24.51
N ASN B 197 -11.79 -0.95 -24.21
CA ASN B 197 -10.70 -0.39 -25.01
C ASN B 197 -9.45 -1.21 -24.72
N ALA B 198 -8.51 -0.67 -23.97
CA ALA B 198 -7.30 -1.44 -23.69
C ALA B 198 -6.87 -1.42 -22.23
N ALA B 199 -7.84 -1.52 -21.33
CA ALA B 199 -7.51 -1.55 -19.93
C ALA B 199 -6.95 -0.24 -19.38
N ARG B 200 -7.03 0.83 -20.16
CA ARG B 200 -6.54 2.12 -19.70
C ARG B 200 -7.70 3.00 -19.29
N PRO B 201 -7.54 3.74 -18.19
CA PRO B 201 -8.61 4.62 -17.70
C PRO B 201 -9.19 5.54 -18.78
N LEU B 202 -10.52 5.68 -18.77
CA LEU B 202 -11.20 6.55 -19.72
C LEU B 202 -11.04 8.01 -19.38
N PHE B 203 -10.98 8.36 -18.11
CA PHE B 203 -10.84 9.77 -17.71
C PHE B 203 -9.79 9.96 -16.62
N PRO B 204 -8.50 10.00 -16.99
CA PRO B 204 -7.40 10.16 -16.02
C PRO B 204 -6.94 11.59 -15.69
N GLY B 205 -7.86 12.41 -15.19
CA GLY B 205 -7.52 13.78 -14.88
C GLY B 205 -6.40 14.02 -13.87
N ASN B 206 -5.83 15.23 -13.92
CA ASN B 206 -4.75 15.62 -13.03
C ASN B 206 -5.33 16.20 -11.74
N ASP B 207 -6.61 16.58 -11.81
CA ASP B 207 -7.33 17.15 -10.68
C ASP B 207 -8.82 17.25 -11.00
N VAL B 208 -9.61 17.71 -10.03
CA VAL B 208 -11.06 17.84 -10.20
C VAL B 208 -11.44 18.63 -11.44
N ASP B 209 -10.73 19.74 -11.66
CA ASP B 209 -10.96 20.61 -12.81
C ASP B 209 -10.61 19.83 -14.08
N ASP B 210 -9.37 19.33 -14.15
CA ASP B 210 -8.94 18.57 -15.33
C ASP B 210 -9.85 17.35 -15.55
N GLN B 211 -10.35 16.79 -14.46
CA GLN B 211 -11.22 15.63 -14.53
C GLN B 211 -12.51 16.01 -15.26
N LEU B 212 -13.13 17.09 -14.83
CA LEU B 212 -14.37 17.52 -15.47
C LEU B 212 -14.16 17.80 -16.96
N LYS B 213 -13.04 18.43 -17.32
CA LYS B 213 -12.79 18.73 -18.72
C LYS B 213 -12.73 17.47 -19.56
N ARG B 214 -11.88 16.55 -19.15
CA ARG B 214 -11.72 15.31 -19.89
C ARG B 214 -13.07 14.67 -20.13
N ILE B 215 -13.90 14.65 -19.10
CA ILE B 215 -15.23 14.07 -19.19
C ILE B 215 -16.08 14.79 -20.23
N PHE B 216 -16.17 16.12 -20.09
CA PHE B 216 -16.98 16.92 -21.00
C PHE B 216 -16.42 17.02 -22.41
N ARG B 217 -15.10 16.93 -22.56
CA ARG B 217 -14.50 17.01 -23.89
C ARG B 217 -14.91 15.81 -24.74
N LEU B 218 -15.28 14.72 -24.09
CA LEU B 218 -15.68 13.52 -24.81
C LEU B 218 -17.19 13.35 -24.87
N LEU B 219 -17.85 13.56 -23.74
CA LEU B 219 -19.30 13.40 -23.67
C LEU B 219 -20.06 14.67 -23.96
N GLY B 220 -19.36 15.79 -24.04
CA GLY B 220 -20.02 17.06 -24.30
C GLY B 220 -20.53 17.70 -23.04
N THR B 221 -20.23 18.98 -22.86
CA THR B 221 -20.66 19.73 -21.69
C THR B 221 -22.17 19.79 -21.55
N PRO B 222 -22.71 19.33 -20.41
CA PRO B 222 -24.15 19.29 -20.09
C PRO B 222 -24.87 20.63 -20.15
N THR B 223 -26.10 20.62 -20.65
CA THR B 223 -26.88 21.85 -20.70
C THR B 223 -27.83 21.87 -19.53
N GLU B 224 -28.16 23.06 -19.07
CA GLU B 224 -29.06 23.23 -17.94
C GLU B 224 -30.43 22.58 -18.21
N GLU B 225 -30.66 22.24 -19.48
CA GLU B 225 -31.91 21.61 -19.87
C GLU B 225 -31.87 20.10 -19.67
N GLN B 226 -30.72 19.50 -20.02
CA GLN B 226 -30.52 18.06 -19.88
C GLN B 226 -30.17 17.73 -18.42
N TRP B 227 -29.82 18.76 -17.66
CA TRP B 227 -29.45 18.60 -16.27
C TRP B 227 -29.70 19.92 -15.55
N PRO B 228 -30.99 20.24 -15.34
CA PRO B 228 -31.52 21.45 -14.69
C PRO B 228 -30.91 21.92 -13.35
N SER B 229 -30.79 21.01 -12.38
CA SER B 229 -30.25 21.41 -11.08
C SER B 229 -28.73 21.31 -10.86
N MET B 230 -27.94 21.42 -11.92
CA MET B 230 -26.48 21.33 -11.78
C MET B 230 -25.82 22.62 -11.29
N THR B 231 -26.29 23.77 -11.80
CA THR B 231 -25.75 25.06 -11.41
C THR B 231 -26.02 25.36 -9.94
N LYS B 232 -26.98 24.65 -9.35
CA LYS B 232 -27.34 24.82 -7.95
C LYS B 232 -26.42 24.01 -7.05
N LEU B 233 -25.44 23.33 -7.63
CA LEU B 233 -24.49 22.50 -6.90
C LEU B 233 -23.28 23.28 -6.38
N PRO B 234 -22.92 23.06 -5.10
CA PRO B 234 -21.82 23.68 -4.35
C PRO B 234 -20.56 24.11 -5.11
N ASP B 235 -20.09 23.28 -6.03
CA ASP B 235 -18.87 23.60 -6.77
C ASP B 235 -19.02 23.71 -8.29
N TYR B 236 -20.26 23.87 -8.75
CA TYR B 236 -20.51 24.00 -10.18
C TYR B 236 -19.73 25.14 -10.82
N LYS B 237 -19.31 24.92 -12.05
CA LYS B 237 -18.59 25.93 -12.80
C LYS B 237 -18.96 25.75 -14.26
N PRO B 238 -19.23 26.87 -14.94
CA PRO B 238 -19.59 26.86 -16.36
C PRO B 238 -18.36 26.63 -17.20
N TYR B 239 -18.21 25.42 -17.72
CA TYR B 239 -17.06 25.11 -18.56
C TYR B 239 -17.43 25.41 -20.02
N PRO B 240 -16.43 25.59 -20.89
CA PRO B 240 -16.76 25.86 -22.28
C PRO B 240 -17.64 24.72 -22.76
N MET B 241 -18.62 25.02 -23.62
CA MET B 241 -19.54 24.00 -24.14
C MET B 241 -18.96 23.17 -25.29
N TYR B 242 -17.96 22.35 -25.01
CA TYR B 242 -17.35 21.50 -26.03
C TYR B 242 -18.45 20.66 -26.68
N PRO B 243 -18.19 20.16 -27.90
CA PRO B 243 -19.20 19.34 -28.59
C PRO B 243 -19.31 17.96 -27.94
N ALA B 244 -20.51 17.39 -27.99
CA ALA B 244 -20.74 16.07 -27.44
C ALA B 244 -20.27 15.05 -28.48
N THR B 245 -18.96 14.99 -28.72
CA THR B 245 -18.44 14.04 -29.70
C THR B 245 -18.66 12.60 -29.22
N THR B 246 -19.71 12.44 -28.41
CA THR B 246 -20.10 11.16 -27.80
C THR B 246 -20.37 10.00 -28.75
N SER B 247 -19.82 10.07 -29.96
CA SER B 247 -19.99 8.99 -30.92
C SER B 247 -18.92 7.99 -30.48
N LEU B 248 -18.98 7.70 -29.18
CA LEU B 248 -18.08 6.83 -28.44
C LEU B 248 -17.24 5.73 -29.09
N VAL B 249 -17.54 5.35 -30.31
CA VAL B 249 -16.76 4.28 -30.95
C VAL B 249 -15.28 4.69 -31.03
N ASN B 250 -15.05 5.99 -31.11
CA ASN B 250 -13.69 6.53 -31.19
C ASN B 250 -12.89 6.21 -29.94
N VAL B 251 -13.58 5.83 -28.87
CA VAL B 251 -12.90 5.54 -27.62
C VAL B 251 -13.10 4.09 -27.13
N VAL B 252 -13.92 3.32 -27.81
CA VAL B 252 -14.13 1.94 -27.36
C VAL B 252 -14.55 0.99 -28.49
N PRO B 253 -13.67 0.79 -29.49
CA PRO B 253 -13.82 -0.06 -30.68
C PRO B 253 -14.17 -1.53 -30.44
N LYS B 254 -13.39 -2.20 -29.58
CA LYS B 254 -13.62 -3.60 -29.27
C LYS B 254 -14.96 -3.76 -28.56
N LEU B 255 -15.91 -2.91 -28.95
CA LEU B 255 -17.25 -2.91 -28.39
C LEU B 255 -18.26 -2.63 -29.50
N ASN B 256 -19.31 -3.46 -29.55
CA ASN B 256 -20.36 -3.34 -30.56
C ASN B 256 -21.38 -2.25 -30.33
N ALA B 257 -22.21 -2.00 -31.36
CA ALA B 257 -23.25 -0.99 -31.32
C ALA B 257 -24.19 -1.11 -30.13
N THR B 258 -24.50 -2.35 -29.76
CA THR B 258 -25.38 -2.60 -28.63
C THR B 258 -24.69 -2.28 -27.31
N GLY B 259 -23.50 -2.84 -27.11
CA GLY B 259 -22.77 -2.58 -25.90
C GLY B 259 -22.44 -1.11 -25.73
N ARG B 260 -22.20 -0.43 -26.84
CA ARG B 260 -21.89 0.99 -26.79
C ARG B 260 -23.07 1.80 -26.31
N ASP B 261 -24.27 1.36 -26.65
CA ASP B 261 -25.48 2.06 -26.22
C ASP B 261 -25.52 2.01 -24.70
N LEU B 262 -25.32 0.81 -24.15
CA LEU B 262 -25.32 0.62 -22.72
C LEU B 262 -24.31 1.57 -22.10
N LEU B 263 -23.08 1.53 -22.60
CA LEU B 263 -22.03 2.40 -22.08
C LEU B 263 -22.51 3.85 -22.04
N GLN B 264 -23.32 4.25 -23.02
CA GLN B 264 -23.79 5.62 -23.04
C GLN B 264 -24.80 5.84 -21.92
N ASN B 265 -25.56 4.80 -21.57
CA ASN B 265 -26.54 4.95 -20.50
C ASN B 265 -25.93 4.92 -19.11
N LEU B 266 -24.68 4.47 -19.02
CA LEU B 266 -23.96 4.42 -17.75
C LEU B 266 -23.24 5.75 -17.56
N LEU B 267 -22.73 6.30 -18.65
CA LEU B 267 -21.99 7.55 -18.59
C LEU B 267 -22.77 8.85 -18.79
N LYS B 268 -24.01 8.89 -18.33
CA LYS B 268 -24.81 10.11 -18.44
C LYS B 268 -24.39 11.04 -17.30
N CYS B 269 -24.13 12.31 -17.61
CA CYS B 269 -23.70 13.24 -16.58
C CYS B 269 -24.76 13.49 -15.50
N ASN B 270 -26.01 13.63 -15.94
CA ASN B 270 -27.08 13.86 -14.98
C ASN B 270 -27.31 12.56 -14.25
N PRO B 271 -26.98 12.53 -12.95
CA PRO B 271 -27.15 11.33 -12.13
C PRO B 271 -28.50 10.64 -12.34
N VAL B 272 -29.56 11.43 -12.50
CA VAL B 272 -30.91 10.90 -12.68
C VAL B 272 -31.08 10.14 -14.00
N GLN B 273 -30.26 10.47 -14.98
CA GLN B 273 -30.32 9.85 -16.30
C GLN B 273 -29.49 8.56 -16.44
N ARG B 274 -28.83 8.14 -15.36
CA ARG B 274 -27.99 6.93 -15.40
C ARG B 274 -28.84 5.68 -15.31
N ILE B 275 -28.55 4.71 -16.18
CA ILE B 275 -29.28 3.45 -16.16
C ILE B 275 -28.92 2.78 -14.83
N SER B 276 -29.73 1.83 -14.38
CA SER B 276 -29.45 1.15 -13.11
C SER B 276 -28.87 -0.25 -13.31
N ALA B 277 -28.41 -0.84 -12.20
CA ALA B 277 -27.84 -2.18 -12.24
C ALA B 277 -28.83 -3.16 -12.86
N GLU B 278 -30.04 -3.21 -12.32
CA GLU B 278 -31.05 -4.11 -12.86
C GLU B 278 -31.21 -3.85 -14.36
N GLU B 279 -31.65 -2.64 -14.70
CA GLU B 279 -31.84 -2.25 -16.10
C GLU B 279 -30.65 -2.63 -16.98
N ALA B 280 -29.45 -2.37 -16.47
CA ALA B 280 -28.26 -2.69 -17.23
C ALA B 280 -28.27 -4.18 -17.57
N LEU B 281 -28.45 -5.01 -16.55
CA LEU B 281 -28.49 -6.46 -16.72
C LEU B 281 -29.56 -6.93 -17.70
N GLN B 282 -30.59 -6.11 -17.88
CA GLN B 282 -31.69 -6.45 -18.77
C GLN B 282 -31.52 -5.80 -20.13
N HIS B 283 -30.35 -5.21 -20.35
CA HIS B 283 -30.07 -4.53 -21.60
C HIS B 283 -29.62 -5.50 -22.70
N PRO B 284 -30.05 -5.25 -23.95
CA PRO B 284 -29.69 -6.13 -25.07
C PRO B 284 -28.25 -6.68 -25.06
N TYR B 285 -27.29 -5.82 -24.79
CA TYR B 285 -25.88 -6.22 -24.74
C TYR B 285 -25.66 -7.58 -24.14
N PHE B 286 -26.45 -7.92 -23.13
CA PHE B 286 -26.30 -9.22 -22.48
C PHE B 286 -27.20 -10.30 -23.07
N SER B 287 -26.77 -11.55 -22.90
CA SER B 287 -27.47 -12.73 -23.39
C SER B 287 -26.58 -13.96 -23.21
N SER C 1 40.58 -15.64 9.59
CA SER C 1 39.45 -16.46 10.11
C SER C 1 38.64 -15.67 11.14
N THR C 2 37.34 -15.92 11.16
CA THR C 2 36.44 -15.23 12.08
C THR C 2 37.07 -15.11 13.45
N SER C 3 36.81 -16.08 14.31
CA SER C 3 37.32 -16.10 15.67
C SER C 3 38.47 -15.12 15.95
N GLU C 4 39.62 -15.37 15.33
CA GLU C 4 40.81 -14.52 15.49
C GLU C 4 40.48 -13.02 15.48
N LEU C 5 39.83 -12.54 14.41
CA LEU C 5 39.47 -11.13 14.30
C LEU C 5 38.56 -10.73 15.46
N LEU C 6 37.72 -11.67 15.90
CA LEU C 6 36.81 -11.41 17.01
C LEU C 6 37.57 -11.01 18.27
N ARG C 7 38.56 -11.82 18.67
CA ARG C 7 39.38 -11.51 19.85
C ARG C 7 39.97 -10.13 19.70
N CYS C 8 40.40 -9.79 18.49
CA CYS C 8 40.98 -8.48 18.24
C CYS C 8 39.89 -7.46 18.54
N LEU C 9 38.66 -7.74 18.13
CA LEU C 9 37.55 -6.84 18.38
C LEU C 9 37.44 -6.70 19.91
N GLY C 10 37.34 -7.83 20.61
CA GLY C 10 37.25 -7.80 22.06
C GLY C 10 38.44 -7.01 22.58
N GLU C 11 39.63 -7.45 22.18
CA GLU C 11 40.86 -6.80 22.59
C GLU C 11 40.61 -5.29 22.51
N PHE C 12 40.33 -4.81 21.30
CA PHE C 12 40.07 -3.40 21.09
C PHE C 12 39.02 -2.80 22.01
N LEU C 13 37.90 -3.50 22.17
CA LEU C 13 36.81 -3.00 23.00
C LEU C 13 37.23 -2.80 24.46
N CYS C 14 38.28 -3.49 24.90
CA CYS C 14 38.74 -3.32 26.27
C CYS C 14 39.70 -2.15 26.35
N ARG C 15 40.51 -1.99 25.31
CA ARG C 15 41.48 -0.89 25.28
C ARG C 15 40.74 0.44 25.08
N ARG C 16 39.49 0.36 24.67
CA ARG C 16 38.67 1.55 24.45
C ARG C 16 37.87 1.92 25.70
N CYS C 17 37.23 0.92 26.29
CA CYS C 17 36.41 1.10 27.48
C CYS C 17 37.23 0.82 28.75
N TYR C 18 38.44 1.34 28.78
CA TYR C 18 39.37 1.17 29.90
C TYR C 18 38.68 1.28 31.26
N ARG C 19 37.63 2.10 31.32
CA ARG C 19 36.90 2.33 32.56
C ARG C 19 36.24 1.09 33.16
N LEU C 20 36.49 -0.07 32.58
CA LEU C 20 35.93 -1.32 33.08
C LEU C 20 36.95 -2.43 33.05
N LYS C 21 37.91 -2.33 33.97
CA LYS C 21 39.00 -3.29 34.08
C LYS C 21 38.52 -4.63 34.64
N HIS C 22 37.29 -4.97 34.32
CA HIS C 22 36.72 -6.23 34.77
C HIS C 22 36.37 -6.99 33.51
N LEU C 23 36.67 -6.37 32.37
CA LEU C 23 36.34 -6.97 31.09
C LEU C 23 37.42 -7.78 30.39
N SER C 24 36.97 -8.84 29.74
CA SER C 24 37.82 -9.76 29.00
C SER C 24 37.39 -9.71 27.53
N PRO C 25 38.35 -9.81 26.60
CA PRO C 25 38.03 -9.77 25.18
C PRO C 25 37.01 -10.84 24.78
N THR C 26 36.87 -11.84 25.64
CA THR C 26 35.96 -12.95 25.38
C THR C 26 34.47 -12.58 25.52
N ASP C 27 34.15 -11.67 26.44
CA ASP C 27 32.76 -11.28 26.63
C ASP C 27 32.12 -10.69 25.38
N PRO C 28 32.66 -9.56 24.88
CA PRO C 28 32.10 -8.92 23.69
C PRO C 28 31.87 -9.94 22.57
N VAL C 29 32.79 -10.90 22.45
CA VAL C 29 32.69 -11.93 21.42
C VAL C 29 31.54 -12.87 21.73
N LEU C 30 31.34 -13.14 23.02
CA LEU C 30 30.27 -14.02 23.43
C LEU C 30 28.94 -13.37 23.07
N TRP C 31 28.89 -12.04 23.21
CA TRP C 31 27.68 -11.30 22.90
C TRP C 31 27.41 -11.34 21.40
N LEU C 32 28.45 -11.16 20.60
CA LEU C 32 28.30 -11.19 19.14
C LEU C 32 27.94 -12.61 18.70
N ARG C 33 28.59 -13.60 19.29
CA ARG C 33 28.33 -14.99 18.94
C ARG C 33 26.88 -15.40 19.28
N SER C 34 26.35 -14.83 20.36
CA SER C 34 25.01 -15.16 20.79
C SER C 34 23.90 -14.83 19.80
N VAL C 35 23.74 -13.55 19.46
CA VAL C 35 22.68 -13.19 18.54
C VAL C 35 22.85 -13.93 17.21
N ASP C 36 24.05 -13.88 16.64
CA ASP C 36 24.26 -14.56 15.38
C ASP C 36 23.95 -16.03 15.53
N ARG C 37 23.87 -16.50 16.77
CA ARG C 37 23.56 -17.91 17.02
C ARG C 37 22.04 -18.11 17.00
N SER C 38 21.35 -17.40 17.89
CA SER C 38 19.90 -17.52 17.97
C SER C 38 19.24 -17.06 16.68
N LEU C 39 19.86 -16.09 16.02
CA LEU C 39 19.31 -15.59 14.76
C LEU C 39 19.09 -16.82 13.87
N LEU C 40 19.79 -17.90 14.19
CA LEU C 40 19.58 -19.11 13.42
C LEU C 40 18.31 -19.79 13.94
N LEU C 41 17.28 -18.98 14.13
CA LEU C 41 15.95 -19.42 14.53
C LEU C 41 15.35 -19.53 13.13
N GLN C 42 16.20 -20.04 12.24
CA GLN C 42 15.92 -20.25 10.83
C GLN C 42 14.75 -19.55 10.19
N GLY C 43 14.91 -19.22 8.91
CA GLY C 43 13.88 -18.51 8.20
C GLY C 43 14.32 -17.07 8.34
N TRP C 44 15.28 -16.87 9.26
CA TRP C 44 15.87 -15.57 9.54
C TRP C 44 17.16 -15.46 8.74
N GLN C 45 17.93 -16.53 8.72
CA GLN C 45 19.17 -16.56 7.94
C GLN C 45 19.67 -17.99 7.83
N ASP C 46 19.92 -18.42 6.60
CA ASP C 46 20.39 -19.77 6.33
C ASP C 46 21.90 -19.88 6.52
N GLN C 47 22.58 -18.75 6.65
CA GLN C 47 24.02 -18.75 6.83
C GLN C 47 24.43 -17.76 7.93
N GLY C 48 25.50 -18.07 8.63
CA GLY C 48 25.98 -17.19 9.69
C GLY C 48 26.52 -15.88 9.16
N PHE C 49 26.19 -14.79 9.83
CA PHE C 49 26.62 -13.48 9.42
C PHE C 49 28.09 -13.21 9.74
N ILE C 50 28.45 -13.32 11.01
CA ILE C 50 29.82 -13.07 11.44
C ILE C 50 30.87 -13.78 10.60
N THR C 51 31.57 -12.99 9.79
CA THR C 51 32.61 -13.48 8.90
C THR C 51 33.78 -12.51 9.02
N PRO C 52 34.94 -12.87 8.45
CA PRO C 52 36.07 -11.95 8.55
C PRO C 52 35.65 -10.54 8.19
N ALA C 53 35.29 -10.36 6.92
CA ALA C 53 34.87 -9.07 6.38
C ALA C 53 33.87 -8.35 7.27
N ASN C 54 32.83 -9.07 7.68
CA ASN C 54 31.82 -8.47 8.51
C ASN C 54 32.34 -8.03 9.87
N VAL C 55 33.20 -8.84 10.50
CA VAL C 55 33.72 -8.41 11.79
C VAL C 55 34.43 -7.10 11.54
N VAL C 56 35.24 -7.08 10.48
CA VAL C 56 35.97 -5.88 10.12
C VAL C 56 35.01 -4.72 9.92
N PHE C 57 33.98 -4.92 9.11
CA PHE C 57 32.98 -3.87 8.90
C PHE C 57 32.49 -3.41 10.28
N LEU C 58 32.28 -4.36 11.16
CA LEU C 58 31.79 -4.05 12.49
C LEU C 58 32.82 -3.30 13.33
N TYR C 59 34.09 -3.71 13.23
CA TYR C 59 35.13 -3.06 14.00
C TYR C 59 35.17 -1.62 13.52
N MET C 60 34.87 -1.44 12.25
CA MET C 60 34.87 -0.11 11.67
C MET C 60 33.90 0.81 12.41
N LEU C 61 32.65 0.37 12.62
CA LEU C 61 31.67 1.20 13.33
C LEU C 61 32.13 1.43 14.78
N CYS C 62 32.30 0.34 15.54
CA CYS C 62 32.74 0.43 16.93
C CYS C 62 33.86 1.45 17.09
N ARG C 63 34.82 1.34 16.19
CA ARG C 63 35.99 2.19 16.14
C ARG C 63 35.64 3.65 16.46
N ASP C 64 34.80 4.24 15.63
CA ASP C 64 34.43 5.65 15.79
C ASP C 64 33.14 5.87 16.57
N VAL C 65 32.60 4.83 17.20
CA VAL C 65 31.35 5.01 17.91
C VAL C 65 31.38 4.75 19.42
N ILE C 66 32.00 3.64 19.82
CA ILE C 66 32.08 3.30 21.23
C ILE C 66 32.83 4.35 22.04
N SER C 67 32.12 5.09 22.89
CA SER C 67 32.77 6.10 23.71
C SER C 67 33.82 5.43 24.57
N SER C 68 34.86 6.19 24.92
CA SER C 68 35.93 5.67 25.76
C SER C 68 35.57 5.70 27.23
N GLU C 69 34.56 6.51 27.57
CA GLU C 69 34.12 6.64 28.95
C GLU C 69 32.90 5.80 29.29
N VAL C 70 32.61 4.82 28.45
CA VAL C 70 31.47 3.93 28.68
C VAL C 70 31.42 3.50 30.14
N GLY C 71 30.29 3.74 30.78
CA GLY C 71 30.12 3.36 32.17
C GLY C 71 29.19 2.16 32.32
N SER C 72 29.78 0.98 32.51
CA SER C 72 29.07 -0.30 32.68
C SER C 72 29.02 -1.07 31.35
N ASP C 73 29.31 -2.37 31.42
CA ASP C 73 29.30 -3.21 30.23
C ASP C 73 27.95 -3.20 29.54
N HIS C 74 26.88 -3.14 30.32
CA HIS C 74 25.53 -3.11 29.78
C HIS C 74 25.42 -2.01 28.73
N GLU C 75 26.04 -0.86 28.99
CA GLU C 75 26.02 0.25 28.03
C GLU C 75 26.83 -0.13 26.79
N LEU C 76 27.91 -0.87 27.00
CA LEU C 76 28.75 -1.29 25.90
C LEU C 76 27.98 -2.26 25.00
N GLN C 77 27.48 -3.34 25.60
CA GLN C 77 26.71 -4.34 24.90
C GLN C 77 25.57 -3.73 24.06
N ALA C 78 24.98 -2.65 24.58
CA ALA C 78 23.89 -1.98 23.89
C ALA C 78 24.40 -1.30 22.61
N VAL C 79 25.38 -0.42 22.78
CA VAL C 79 25.93 0.30 21.64
C VAL C 79 26.62 -0.69 20.70
N LEU C 80 27.25 -1.72 21.26
CA LEU C 80 27.92 -2.70 20.42
C LEU C 80 26.85 -3.39 19.58
N LEU C 81 25.73 -3.72 20.22
CA LEU C 81 24.64 -4.39 19.51
C LEU C 81 23.95 -3.46 18.52
N THR C 82 24.00 -2.16 18.77
CA THR C 82 23.39 -1.25 17.82
C THR C 82 24.27 -1.35 16.58
N CYS C 83 25.58 -1.29 16.78
CA CYS C 83 26.52 -1.40 15.69
C CYS C 83 26.28 -2.69 14.94
N LEU C 84 26.17 -3.79 15.67
CA LEU C 84 25.95 -5.08 15.03
C LEU C 84 24.68 -5.04 14.21
N TYR C 85 23.64 -4.44 14.77
CA TYR C 85 22.37 -4.35 14.07
C TYR C 85 22.55 -3.69 12.70
N LEU C 86 23.25 -2.54 12.67
CA LEU C 86 23.51 -1.81 11.43
C LEU C 86 24.32 -2.61 10.44
N SER C 87 25.29 -3.36 10.96
CA SER C 87 26.14 -4.19 10.10
C SER C 87 25.27 -5.22 9.41
N TYR C 88 24.32 -5.77 10.15
CA TYR C 88 23.42 -6.75 9.59
C TYR C 88 22.53 -6.06 8.56
N SER C 89 21.96 -4.92 8.96
CA SER C 89 21.08 -4.19 8.07
C SER C 89 21.76 -3.86 6.75
N TYR C 90 22.97 -3.32 6.85
CA TYR C 90 23.73 -2.89 5.69
C TYR C 90 24.51 -3.98 4.95
N MET C 91 25.13 -4.91 5.66
CA MET C 91 25.92 -5.97 5.01
C MET C 91 25.18 -7.29 5.01
N GLY C 92 24.05 -7.33 5.70
CA GLY C 92 23.29 -8.56 5.78
C GLY C 92 23.03 -9.24 4.45
N ASN C 93 23.21 -10.56 4.44
CA ASN C 93 22.98 -11.37 3.26
C ASN C 93 21.48 -11.48 3.00
N GLU C 94 20.68 -11.41 4.07
CA GLU C 94 19.22 -11.45 3.93
C GLU C 94 18.80 -10.02 3.56
N ILE C 95 17.56 -9.84 3.11
CA ILE C 95 17.15 -8.48 2.78
C ILE C 95 16.71 -7.75 4.05
N SER C 96 16.74 -8.45 5.18
CA SER C 96 16.38 -7.87 6.48
C SER C 96 16.59 -8.81 7.67
N TYR C 97 16.48 -8.26 8.89
CA TYR C 97 16.64 -9.01 10.15
C TYR C 97 15.77 -8.45 11.27
N PRO C 98 15.48 -9.30 12.26
CA PRO C 98 14.66 -8.94 13.42
C PRO C 98 15.45 -8.08 14.39
N LEU C 99 14.74 -7.46 15.33
CA LEU C 99 15.33 -6.59 16.34
C LEU C 99 15.36 -7.26 17.72
N LYS C 100 14.76 -8.44 17.85
CA LYS C 100 14.71 -9.10 19.14
C LYS C 100 16.06 -9.29 19.82
N PRO C 101 17.00 -9.98 19.16
CA PRO C 101 18.31 -10.20 19.77
C PRO C 101 19.25 -9.00 19.86
N PHE C 102 18.82 -7.85 19.36
CA PHE C 102 19.69 -6.67 19.40
C PHE C 102 19.33 -5.67 20.48
N LEU C 103 18.05 -5.55 20.78
CA LEU C 103 17.60 -4.62 21.79
C LEU C 103 17.71 -5.19 23.21
N VAL C 104 18.82 -4.87 23.88
CA VAL C 104 19.06 -5.33 25.25
C VAL C 104 18.86 -4.14 26.18
N GLU C 105 18.76 -2.97 25.58
CA GLU C 105 18.55 -1.74 26.33
C GLU C 105 17.07 -1.65 26.73
N SER C 106 16.78 -0.84 27.74
CA SER C 106 15.41 -0.69 28.22
C SER C 106 14.59 0.32 27.41
N CYS C 107 15.11 1.56 27.37
CA CYS C 107 14.48 2.66 26.67
C CYS C 107 14.57 2.46 25.15
N LYS C 108 13.61 1.75 24.58
CA LYS C 108 13.58 1.54 23.14
C LYS C 108 13.92 2.82 22.37
N GLU C 109 13.39 3.94 22.86
CA GLU C 109 13.62 5.23 22.22
C GLU C 109 15.11 5.51 22.00
N ALA C 110 15.95 5.08 22.93
CA ALA C 110 17.39 5.32 22.81
C ALA C 110 18.07 4.41 21.78
N PHE C 111 17.62 3.17 21.69
CA PHE C 111 18.20 2.24 20.72
C PHE C 111 18.13 2.83 19.31
N TRP C 112 16.95 3.30 18.94
CA TRP C 112 16.74 3.91 17.63
C TRP C 112 17.48 5.21 17.48
N ASP C 113 17.76 5.86 18.61
CA ASP C 113 18.46 7.11 18.56
C ASP C 113 19.89 6.87 18.09
N ARG C 114 20.55 5.89 18.70
CA ARG C 114 21.92 5.54 18.31
C ARG C 114 21.91 5.19 16.82
N CYS C 115 20.94 4.35 16.42
CA CYS C 115 20.81 3.94 15.03
C CYS C 115 20.89 5.17 14.12
N LEU C 116 20.21 6.26 14.49
CA LEU C 116 20.28 7.48 13.68
C LEU C 116 21.63 8.20 13.86
N SER C 117 22.09 8.31 15.10
CA SER C 117 23.37 8.97 15.37
C SER C 117 24.49 8.31 14.55
N VAL C 118 24.58 6.98 14.65
CA VAL C 118 25.62 6.25 13.94
C VAL C 118 25.48 6.41 12.44
N ILE C 119 24.26 6.23 11.95
CA ILE C 119 24.05 6.35 10.51
C ILE C 119 24.48 7.73 10.02
N ASN C 120 24.21 8.76 10.79
CA ASN C 120 24.58 10.10 10.35
C ASN C 120 26.07 10.39 10.38
N LEU C 121 26.80 9.66 11.20
CA LEU C 121 28.24 9.86 11.35
C LEU C 121 29.05 8.83 10.56
N MET C 122 28.48 7.66 10.30
CA MET C 122 29.20 6.60 9.57
C MET C 122 28.72 6.25 8.16
N SER C 123 27.61 6.84 7.70
CA SER C 123 27.11 6.50 6.37
C SER C 123 28.14 6.51 5.27
N SER C 124 29.02 7.51 5.24
CA SER C 124 30.06 7.57 4.19
C SER C 124 31.07 6.41 4.29
N LYS C 125 31.57 6.17 5.50
CA LYS C 125 32.53 5.10 5.71
C LYS C 125 31.93 3.72 5.47
N MET C 126 30.63 3.57 5.74
CA MET C 126 29.96 2.31 5.52
C MET C 126 29.98 1.94 4.04
N LEU C 127 29.83 2.95 3.18
CA LEU C 127 29.84 2.74 1.73
C LEU C 127 31.27 2.67 1.20
N GLN C 128 32.17 3.48 1.75
CA GLN C 128 33.54 3.50 1.28
C GLN C 128 34.25 2.16 1.44
N ILE C 129 34.19 1.59 2.65
CA ILE C 129 34.85 0.32 2.93
C ILE C 129 34.41 -0.76 1.98
N ASN C 130 33.33 -0.48 1.27
CA ASN C 130 32.83 -1.42 0.31
C ASN C 130 33.35 -1.06 -1.07
N ALA C 131 33.33 0.23 -1.38
CA ALA C 131 33.77 0.70 -2.69
C ALA C 131 35.26 0.95 -2.84
N ASP C 132 35.98 1.02 -1.72
CA ASP C 132 37.41 1.31 -1.76
C ASP C 132 38.25 0.21 -1.12
N PRO C 133 38.68 -0.79 -1.91
CA PRO C 133 39.49 -1.89 -1.39
C PRO C 133 40.66 -1.48 -0.52
N HIS C 134 41.33 -0.38 -0.85
CA HIS C 134 42.46 0.06 -0.05
C HIS C 134 42.00 0.46 1.33
N TYR C 135 40.81 1.04 1.40
CA TYR C 135 40.29 1.44 2.68
C TYR C 135 39.93 0.18 3.48
N PHE C 136 39.49 -0.86 2.78
CA PHE C 136 39.11 -2.11 3.44
C PHE C 136 40.33 -2.72 4.09
N THR C 137 41.46 -2.63 3.38
CA THR C 137 42.71 -3.18 3.86
C THR C 137 43.22 -2.45 5.08
N GLN C 138 43.10 -1.13 5.09
CA GLN C 138 43.56 -0.35 6.25
C GLN C 138 42.76 -0.71 7.49
N VAL C 139 41.44 -0.80 7.37
CA VAL C 139 40.63 -1.16 8.51
C VAL C 139 41.00 -2.60 8.90
N PHE C 140 40.97 -3.51 7.93
CA PHE C 140 41.33 -4.90 8.20
C PHE C 140 42.67 -4.96 8.92
N SER C 141 43.66 -4.25 8.38
CA SER C 141 44.98 -4.23 8.98
C SER C 141 44.92 -3.69 10.41
N ASP C 142 44.41 -2.47 10.59
CA ASP C 142 44.31 -1.87 11.92
C ASP C 142 43.70 -2.87 12.89
N LEU C 143 42.61 -3.51 12.48
CA LEU C 143 41.94 -4.49 13.35
C LEU C 143 42.86 -5.64 13.71
N LYS C 144 43.57 -6.14 12.71
CA LYS C 144 44.50 -7.24 12.86
C LYS C 144 45.60 -6.94 13.89
N ASN C 145 46.05 -5.69 13.92
CA ASN C 145 47.11 -5.26 14.83
C ASN C 145 46.60 -4.61 16.11
N GLU C 146 45.31 -4.80 16.39
CA GLU C 146 44.71 -4.25 17.58
C GLU C 146 44.94 -5.28 18.69
N SER C 147 45.39 -6.46 18.27
CA SER C 147 45.67 -7.55 19.18
C SER C 147 46.75 -7.16 20.18
N SER D 1 -37.54 15.92 16.70
CA SER D 1 -36.71 16.95 17.39
C SER D 1 -35.66 16.27 18.26
N THR D 2 -34.39 16.53 18.00
CA THR D 2 -33.31 15.90 18.76
C THR D 2 -33.52 16.00 20.27
N SER D 3 -33.72 17.22 20.76
CA SER D 3 -33.91 17.45 22.18
C SER D 3 -34.70 16.36 22.89
N GLU D 4 -35.97 16.25 22.54
CA GLU D 4 -36.87 15.28 23.16
C GLU D 4 -36.62 13.81 22.87
N LEU D 5 -36.11 13.48 21.68
CA LEU D 5 -35.85 12.07 21.40
C LEU D 5 -34.72 11.67 22.33
N LEU D 6 -33.82 12.61 22.61
CA LEU D 6 -32.69 12.39 23.50
C LEU D 6 -33.11 12.09 24.92
N ARG D 7 -34.07 12.85 25.43
CA ARG D 7 -34.57 12.65 26.78
C ARG D 7 -35.25 11.29 26.83
N CYS D 8 -35.80 10.88 25.69
CA CYS D 8 -36.46 9.60 25.62
C CYS D 8 -35.43 8.50 25.84
N LEU D 9 -34.25 8.67 25.23
CA LEU D 9 -33.16 7.71 25.37
C LEU D 9 -32.78 7.67 26.84
N GLY D 10 -32.65 8.84 27.45
CA GLY D 10 -32.30 8.90 28.86
C GLY D 10 -33.33 8.19 29.71
N GLU D 11 -34.59 8.56 29.52
CA GLU D 11 -35.69 7.95 30.24
C GLU D 11 -35.49 6.43 30.13
N PHE D 12 -35.32 5.95 28.91
CA PHE D 12 -35.11 4.53 28.63
C PHE D 12 -33.92 3.92 29.37
N LEU D 13 -32.74 4.49 29.18
CA LEU D 13 -31.56 3.97 29.84
C LEU D 13 -31.85 3.86 31.34
N CYS D 14 -32.50 4.88 31.92
CA CYS D 14 -32.83 4.82 33.33
C CYS D 14 -33.79 3.67 33.63
N ARG D 15 -34.80 3.48 32.80
CA ARG D 15 -35.72 2.40 33.03
C ARG D 15 -35.02 1.03 32.94
N ARG D 16 -34.12 0.90 31.97
CA ARG D 16 -33.37 -0.35 31.73
C ARG D 16 -32.36 -0.67 32.81
N CYS D 17 -31.69 0.37 33.32
CA CYS D 17 -30.69 0.19 34.36
C CYS D 17 -31.26 0.51 35.75
N TYR D 18 -32.18 -0.33 36.20
CA TYR D 18 -32.84 -0.18 37.50
C TYR D 18 -31.85 -0.36 38.65
N ARG D 19 -30.61 -0.72 38.30
CA ARG D 19 -29.55 -0.94 39.28
C ARG D 19 -28.92 0.40 39.71
N LEU D 20 -29.28 1.48 39.00
CA LEU D 20 -28.76 2.79 39.32
C LEU D 20 -29.85 3.82 39.58
N LYS D 21 -30.35 3.84 40.81
CA LYS D 21 -31.41 4.78 41.19
C LYS D 21 -30.91 6.20 41.36
N HIS D 22 -29.60 6.39 41.30
CA HIS D 22 -29.03 7.72 41.42
C HIS D 22 -28.80 8.29 40.03
N LEU D 23 -29.37 7.64 39.02
CA LEU D 23 -29.21 8.07 37.63
C LEU D 23 -30.40 8.87 37.11
N SER D 24 -30.11 9.96 36.39
CA SER D 24 -31.19 10.76 35.83
C SER D 24 -31.05 10.73 34.32
N PRO D 25 -32.19 10.76 33.61
CA PRO D 25 -32.18 10.74 32.14
C PRO D 25 -31.24 11.77 31.54
N THR D 26 -30.99 12.85 32.27
CA THR D 26 -30.13 13.91 31.78
C THR D 26 -28.63 13.59 31.70
N ASP D 27 -28.14 12.70 32.54
CA ASP D 27 -26.73 12.35 32.51
C ASP D 27 -26.23 11.75 31.18
N PRO D 28 -26.92 10.72 30.65
CA PRO D 28 -26.54 10.08 29.39
C PRO D 28 -26.57 11.11 28.24
N VAL D 29 -27.61 11.95 28.24
CA VAL D 29 -27.75 12.98 27.22
C VAL D 29 -26.48 13.83 27.24
N LEU D 30 -25.99 14.12 28.45
CA LEU D 30 -24.77 14.91 28.57
C LEU D 30 -23.55 14.17 28.03
N TRP D 31 -23.43 12.88 28.34
CA TRP D 31 -22.28 12.11 27.86
C TRP D 31 -22.29 12.08 26.35
N LEU D 32 -23.49 12.02 25.79
CA LEU D 32 -23.65 12.00 24.34
C LEU D 32 -23.35 13.38 23.77
N ARG D 33 -24.12 14.40 24.17
CA ARG D 33 -23.91 15.74 23.64
C ARG D 33 -22.47 16.28 23.77
N SER D 34 -21.74 15.79 24.76
CA SER D 34 -20.37 16.24 24.95
C SER D 34 -19.42 15.75 23.85
N VAL D 35 -19.38 14.44 23.62
CA VAL D 35 -18.48 13.92 22.59
C VAL D 35 -18.80 14.57 21.24
N ASP D 36 -20.08 14.78 20.95
CA ASP D 36 -20.43 15.40 19.67
C ASP D 36 -19.97 16.85 19.71
N ARG D 37 -19.81 17.39 20.92
CA ARG D 37 -19.38 18.76 21.08
C ARG D 37 -17.90 18.83 20.71
N SER D 38 -17.08 17.98 21.34
CA SER D 38 -15.65 17.93 21.07
C SER D 38 -15.40 17.85 19.56
N LEU D 39 -15.91 16.78 18.95
CA LEU D 39 -15.77 16.56 17.53
C LEU D 39 -16.13 17.78 16.67
N LEU D 40 -17.09 18.59 17.10
CA LEU D 40 -17.41 19.76 16.29
C LEU D 40 -16.31 20.78 16.47
N LEU D 41 -15.67 20.77 17.63
CA LEU D 41 -14.54 21.67 17.85
C LEU D 41 -13.46 20.93 17.03
N GLN D 42 -13.86 20.69 15.79
CA GLN D 42 -13.14 20.02 14.75
C GLN D 42 -12.22 18.83 15.03
N GLY D 43 -12.83 17.76 15.53
CA GLY D 43 -12.11 16.51 15.74
C GLY D 43 -12.45 15.99 14.37
N TRP D 44 -13.07 16.91 13.64
CA TRP D 44 -13.55 16.84 12.27
C TRP D 44 -14.96 16.33 12.06
N GLN D 45 -15.84 17.30 11.81
CA GLN D 45 -17.25 17.07 11.58
C GLN D 45 -17.89 18.44 11.40
N ASP D 46 -17.87 18.95 10.17
CA ASP D 46 -18.43 20.26 9.87
C ASP D 46 -19.78 20.52 10.55
N GLN D 47 -20.64 19.51 10.59
CA GLN D 47 -21.95 19.68 11.23
C GLN D 47 -22.14 18.61 12.30
N GLY D 48 -23.14 18.79 13.17
CA GLY D 48 -23.40 17.83 14.24
C GLY D 48 -23.94 16.47 13.83
N PHE D 49 -23.54 15.43 14.56
CA PHE D 49 -23.98 14.05 14.25
C PHE D 49 -25.32 13.68 14.83
N ILE D 50 -25.59 14.18 16.03
CA ILE D 50 -26.82 13.87 16.72
C ILE D 50 -28.02 14.50 16.06
N THR D 51 -28.80 13.67 15.36
CA THR D 51 -29.99 14.11 14.65
C THR D 51 -31.10 13.15 15.07
N PRO D 52 -32.36 13.52 14.81
CA PRO D 52 -33.45 12.63 15.19
C PRO D 52 -33.24 11.20 14.75
N ALA D 53 -32.91 11.00 13.47
CA ALA D 53 -32.71 9.66 12.92
C ALA D 53 -31.56 8.91 13.59
N ASN D 54 -30.43 9.59 13.74
CA ASN D 54 -29.27 9.00 14.37
C ASN D 54 -29.52 8.65 15.85
N VAL D 55 -30.32 9.45 16.54
CA VAL D 55 -30.61 9.15 17.93
C VAL D 55 -31.36 7.84 17.87
N VAL D 56 -32.38 7.76 17.02
CA VAL D 56 -33.15 6.53 16.88
C VAL D 56 -32.24 5.33 16.60
N PHE D 57 -31.33 5.49 15.64
CA PHE D 57 -30.39 4.43 15.32
C PHE D 57 -29.65 4.02 16.60
N LEU D 58 -29.28 5.02 17.38
CA LEU D 58 -28.56 4.79 18.63
C LEU D 58 -29.45 4.02 19.59
N TYR D 59 -30.70 4.43 19.70
CA TYR D 59 -31.63 3.77 20.61
C TYR D 59 -31.73 2.33 20.20
N MET D 60 -31.65 2.08 18.90
CA MET D 60 -31.76 0.73 18.39
C MET D 60 -30.65 -0.17 18.92
N LEU D 61 -29.43 0.32 18.96
CA LEU D 61 -28.34 -0.50 19.48
C LEU D 61 -28.55 -0.70 20.99
N CYS D 62 -28.53 0.39 21.75
CA CYS D 62 -28.72 0.37 23.21
C CYS D 62 -29.79 -0.61 23.68
N ARG D 63 -30.90 -0.61 22.97
CA ARG D 63 -32.03 -1.47 23.30
C ARG D 63 -31.67 -2.95 23.43
N ASP D 64 -30.82 -3.46 22.54
CA ASP D 64 -30.43 -4.87 22.58
C ASP D 64 -29.00 -5.06 23.07
N VAL D 65 -28.37 -3.99 23.57
CA VAL D 65 -26.99 -4.12 24.01
C VAL D 65 -26.72 -3.74 25.44
N ILE D 66 -27.33 -2.66 25.92
CA ILE D 66 -27.14 -2.24 27.31
C ILE D 66 -27.80 -3.32 28.15
N SER D 67 -27.07 -3.86 29.10
CA SER D 67 -27.62 -4.90 29.95
C SER D 67 -28.38 -4.30 31.12
N SER D 68 -29.51 -4.90 31.46
CA SER D 68 -30.32 -4.42 32.57
C SER D 68 -29.59 -4.73 33.87
N GLU D 69 -28.45 -5.39 33.75
CA GLU D 69 -27.64 -5.75 34.91
C GLU D 69 -26.46 -4.80 35.10
N VAL D 70 -26.30 -3.85 34.18
CA VAL D 70 -25.22 -2.88 34.25
C VAL D 70 -24.99 -2.38 35.67
N GLY D 71 -23.74 -2.48 36.12
CA GLY D 71 -23.42 -2.05 37.46
C GLY D 71 -23.44 -0.56 37.70
N SER D 72 -22.31 0.09 37.45
CA SER D 72 -22.15 1.54 37.68
C SER D 72 -22.46 2.48 36.53
N ASP D 73 -22.30 3.77 36.79
CA ASP D 73 -22.51 4.80 35.78
C ASP D 73 -21.35 4.68 34.80
N HIS D 74 -20.22 4.23 35.33
CA HIS D 74 -19.03 4.06 34.51
C HIS D 74 -19.31 3.00 33.45
N GLU D 75 -19.90 1.89 33.87
CA GLU D 75 -20.21 0.82 32.93
C GLU D 75 -21.18 1.28 31.85
N LEU D 76 -22.27 1.92 32.27
CA LEU D 76 -23.26 2.38 31.32
C LEU D 76 -22.63 3.27 30.26
N GLN D 77 -22.04 4.38 30.71
CA GLN D 77 -21.39 5.31 29.80
C GLN D 77 -20.49 4.59 28.79
N ALA D 78 -19.69 3.64 29.26
CA ALA D 78 -18.78 2.90 28.38
C ALA D 78 -19.48 2.15 27.25
N VAL D 79 -20.45 1.31 27.61
CA VAL D 79 -21.16 0.55 26.61
C VAL D 79 -21.99 1.51 25.78
N LEU D 80 -22.52 2.54 26.42
CA LEU D 80 -23.30 3.55 25.72
C LEU D 80 -22.42 4.23 24.66
N LEU D 81 -21.18 4.52 25.02
CA LEU D 81 -20.27 5.19 24.09
C LEU D 81 -19.80 4.25 22.98
N THR D 82 -19.81 2.95 23.27
CA THR D 82 -19.40 1.95 22.29
C THR D 82 -20.45 1.99 21.19
N CYS D 83 -21.71 2.08 21.61
CA CYS D 83 -22.80 2.13 20.65
C CYS D 83 -22.69 3.43 19.85
N LEU D 84 -22.47 4.53 20.55
CA LEU D 84 -22.37 5.83 19.91
C LEU D 84 -21.31 5.80 18.83
N TYR D 85 -20.15 5.25 19.18
CA TYR D 85 -19.03 5.14 18.24
C TYR D 85 -19.51 4.38 17.01
N LEU D 86 -20.15 3.23 17.22
CA LEU D 86 -20.66 2.43 16.11
C LEU D 86 -21.68 3.20 15.29
N SER D 87 -22.47 4.05 15.96
CA SER D 87 -23.47 4.86 15.27
C SER D 87 -22.72 5.82 14.33
N TYR D 88 -21.61 6.38 14.82
CA TYR D 88 -20.81 7.30 14.02
C TYR D 88 -20.14 6.57 12.86
N SER D 89 -19.60 5.41 13.16
CA SER D 89 -18.93 4.60 12.15
C SER D 89 -19.90 4.17 11.07
N TYR D 90 -21.12 3.82 11.47
CA TYR D 90 -22.11 3.33 10.50
C TYR D 90 -22.98 4.39 9.80
N MET D 91 -23.33 5.50 10.47
CA MET D 91 -24.17 6.53 9.85
C MET D 91 -23.44 7.88 9.71
N GLY D 92 -22.29 8.01 10.35
CA GLY D 92 -21.55 9.25 10.26
C GLY D 92 -21.48 9.70 8.82
N ASN D 93 -21.74 10.99 8.59
CA ASN D 93 -21.69 11.57 7.27
C ASN D 93 -20.25 11.64 6.80
N GLU D 94 -19.33 11.86 7.72
CA GLU D 94 -17.93 11.89 7.39
C GLU D 94 -17.60 10.42 7.12
N ILE D 95 -16.38 10.11 6.70
CA ILE D 95 -16.04 8.72 6.41
C ILE D 95 -15.31 8.01 7.54
N SER D 96 -14.95 8.76 8.58
CA SER D 96 -14.26 8.18 9.72
C SER D 96 -14.19 9.13 10.91
N TYR D 97 -13.99 8.58 12.11
CA TYR D 97 -13.95 9.40 13.33
C TYR D 97 -12.90 8.98 14.31
N PRO D 98 -12.55 9.89 15.23
CA PRO D 98 -11.55 9.63 16.26
C PRO D 98 -12.13 8.70 17.29
N LEU D 99 -11.25 8.13 18.10
CA LEU D 99 -11.65 7.23 19.17
C LEU D 99 -11.28 7.95 20.45
N LYS D 100 -10.93 9.23 20.31
CA LYS D 100 -10.53 10.05 21.44
C LYS D 100 -11.67 10.27 22.44
N PRO D 101 -12.84 10.74 21.95
CA PRO D 101 -13.96 10.99 22.85
C PRO D 101 -14.79 9.77 23.24
N PHE D 102 -14.66 8.69 22.50
CA PHE D 102 -15.46 7.51 22.79
C PHE D 102 -14.89 6.57 23.84
N LEU D 103 -13.56 6.49 23.92
CA LEU D 103 -12.91 5.59 24.86
C LEU D 103 -12.72 6.16 26.25
N VAL D 104 -13.74 5.99 27.09
CA VAL D 104 -13.72 6.47 28.47
C VAL D 104 -13.38 5.29 29.40
N GLU D 105 -13.22 4.12 28.80
CA GLU D 105 -12.91 2.89 29.53
C GLU D 105 -11.42 2.77 29.73
N SER D 106 -11.00 2.06 30.77
CA SER D 106 -9.57 1.90 31.06
C SER D 106 -8.89 0.81 30.25
N CYS D 107 -9.59 -0.32 30.11
CA CYS D 107 -9.07 -1.48 29.38
C CYS D 107 -9.38 -1.39 27.87
N LYS D 108 -8.54 -0.68 27.12
CA LYS D 108 -8.74 -0.57 25.67
C LYS D 108 -9.20 -1.88 25.03
N GLU D 109 -8.50 -2.97 25.35
CA GLU D 109 -8.83 -4.29 24.80
C GLU D 109 -10.33 -4.60 24.91
N ALA D 110 -10.89 -4.43 26.10
CA ALA D 110 -12.30 -4.69 26.30
C ALA D 110 -13.17 -3.83 25.37
N PHE D 111 -12.80 -2.57 25.19
CA PHE D 111 -13.54 -1.68 24.32
C PHE D 111 -13.71 -2.29 22.94
N TRP D 112 -12.60 -2.65 22.32
CA TRP D 112 -12.63 -3.24 20.98
C TRP D 112 -13.45 -4.53 20.98
N ASP D 113 -13.59 -5.14 22.16
CA ASP D 113 -14.37 -6.35 22.25
C ASP D 113 -15.85 -6.05 22.13
N ARG D 114 -16.35 -5.06 22.88
CA ARG D 114 -17.76 -4.73 22.78
C ARG D 114 -18.16 -4.35 21.35
N CYS D 115 -17.25 -3.69 20.62
CA CYS D 115 -17.49 -3.30 19.23
C CYS D 115 -17.77 -4.52 18.34
N LEU D 116 -17.02 -5.60 18.54
CA LEU D 116 -17.24 -6.83 17.77
C LEU D 116 -18.50 -7.53 18.25
N SER D 117 -18.66 -7.59 19.57
CA SER D 117 -19.84 -8.22 20.15
C SER D 117 -21.08 -7.56 19.57
N VAL D 118 -21.17 -6.24 19.74
CA VAL D 118 -22.33 -5.53 19.23
C VAL D 118 -22.49 -5.69 17.71
N ILE D 119 -21.39 -5.59 16.97
CA ILE D 119 -21.50 -5.74 15.53
C ILE D 119 -22.04 -7.13 15.13
N ASN D 120 -21.55 -8.16 15.80
CA ASN D 120 -21.97 -9.52 15.48
C ASN D 120 -23.41 -9.77 15.85
N LEU D 121 -23.96 -8.91 16.70
CA LEU D 121 -25.34 -9.06 17.18
C LEU D 121 -26.29 -8.07 16.51
N MET D 122 -25.80 -6.91 16.13
CA MET D 122 -26.66 -5.90 15.50
C MET D 122 -26.41 -5.62 14.03
N SER D 123 -25.47 -6.30 13.39
CA SER D 123 -25.21 -6.02 11.99
C SER D 123 -26.43 -6.09 11.07
N SER D 124 -27.37 -7.00 11.35
CA SER D 124 -28.56 -7.13 10.52
C SER D 124 -29.51 -5.96 10.75
N LYS D 125 -29.76 -5.66 12.02
CA LYS D 125 -30.67 -4.57 12.39
C LYS D 125 -30.14 -3.19 11.97
N MET D 126 -28.82 -3.04 12.00
CA MET D 126 -28.22 -1.78 11.64
C MET D 126 -28.50 -1.48 10.18
N LEU D 127 -28.62 -2.53 9.37
CA LEU D 127 -28.89 -2.36 7.95
C LEU D 127 -30.39 -2.29 7.70
N GLN D 128 -31.17 -3.02 8.49
CA GLN D 128 -32.59 -2.99 8.29
C GLN D 128 -33.19 -1.63 8.61
N ILE D 129 -32.85 -1.05 9.76
CA ILE D 129 -33.43 0.23 10.10
C ILE D 129 -33.23 1.21 8.98
N ASN D 130 -32.19 0.96 8.18
CA ASN D 130 -31.87 1.80 7.04
C ASN D 130 -32.65 1.37 5.79
N ALA D 131 -32.70 0.05 5.56
CA ALA D 131 -33.38 -0.47 4.38
C ALA D 131 -34.87 -0.74 4.50
N ASP D 132 -35.42 -0.62 5.70
CA ASP D 132 -36.84 -0.89 5.89
C ASP D 132 -37.54 0.22 6.65
N PRO D 133 -38.09 1.23 5.94
CA PRO D 133 -38.80 2.38 6.52
C PRO D 133 -39.82 1.99 7.56
N HIS D 134 -40.49 0.87 7.33
CA HIS D 134 -41.47 0.40 8.28
C HIS D 134 -40.72 0.12 9.60
N TYR D 135 -39.60 -0.58 9.51
CA TYR D 135 -38.82 -0.89 10.70
C TYR D 135 -38.33 0.39 11.37
N PHE D 136 -37.86 1.34 10.57
CA PHE D 136 -37.38 2.58 11.16
C PHE D 136 -38.47 3.24 12.00
N THR D 137 -39.69 3.31 11.47
CA THR D 137 -40.81 3.91 12.17
C THR D 137 -41.17 3.20 13.47
N GLN D 138 -41.05 1.88 13.48
CA GLN D 138 -41.34 1.11 14.68
C GLN D 138 -40.33 1.47 15.76
N VAL D 139 -39.06 1.46 15.40
CA VAL D 139 -38.04 1.77 16.38
C VAL D 139 -38.24 3.21 16.83
N PHE D 140 -38.40 4.09 15.86
CA PHE D 140 -38.61 5.50 16.14
C PHE D 140 -39.80 5.69 17.06
N SER D 141 -40.83 4.90 16.82
CA SER D 141 -42.03 5.02 17.63
C SER D 141 -41.78 4.56 19.08
N ASP D 142 -41.13 3.41 19.25
CA ASP D 142 -40.85 2.92 20.59
C ASP D 142 -40.06 3.95 21.36
N LEU D 143 -39.05 4.53 20.72
CA LEU D 143 -38.26 5.54 21.41
C LEU D 143 -39.21 6.62 21.90
N LYS D 144 -40.18 6.97 21.05
CA LYS D 144 -41.15 8.00 21.38
C LYS D 144 -41.91 7.67 22.67
N ASN D 145 -42.34 6.41 22.79
CA ASN D 145 -43.09 5.93 23.95
C ASN D 145 -42.25 5.68 25.21
N GLU D 146 -40.93 5.75 25.07
CA GLU D 146 -40.04 5.51 26.20
C GLU D 146 -40.21 6.59 27.27
N SER D 147 -40.78 7.72 26.88
CA SER D 147 -40.99 8.82 27.81
C SER D 147 -41.90 8.39 28.96
#